data_1UQD
# 
_entry.id   1UQD 
# 
_audit_conform.dict_name       mmcif_pdbx.dic 
_audit_conform.dict_version    5.392 
_audit_conform.dict_location   http://mmcif.pdb.org/dictionaries/ascii/mmcif_pdbx.dic 
# 
loop_
_database_2.database_id 
_database_2.database_code 
_database_2.pdbx_database_accession 
_database_2.pdbx_DOI 
PDB   1UQD         pdb_00001uqd 10.2210/pdb1uqd/pdb 
WWPDB D_1000176970 ?            ?                   
# 
loop_
_pdbx_audit_revision_history.ordinal 
_pdbx_audit_revision_history.data_content_type 
_pdbx_audit_revision_history.major_revision 
_pdbx_audit_revision_history.minor_revision 
_pdbx_audit_revision_history.revision_date 
1 'Structure model' 1 0 1997-01-27 
2 'Structure model' 1 1 2008-03-24 
3 'Structure model' 1 2 2011-07-13 
4 'Structure model' 1 3 2022-03-02 
5 'Structure model' 1 4 2024-05-22 
# 
_pdbx_audit_revision_details.ordinal             1 
_pdbx_audit_revision_details.revision_ordinal    1 
_pdbx_audit_revision_details.data_content_type   'Structure model' 
_pdbx_audit_revision_details.provider            repository 
_pdbx_audit_revision_details.type                'Initial release' 
_pdbx_audit_revision_details.description         ? 
_pdbx_audit_revision_details.details             ? 
# 
loop_
_pdbx_audit_revision_group.ordinal 
_pdbx_audit_revision_group.revision_ordinal 
_pdbx_audit_revision_group.data_content_type 
_pdbx_audit_revision_group.group 
1 2 'Structure model' 'Version format compliance' 
2 3 'Structure model' 'Version format compliance' 
3 4 'Structure model' 'Data collection'           
4 4 'Structure model' 'Database references'       
5 4 'Structure model' 'Derived calculations'      
6 4 'Structure model' Other                       
7 5 'Structure model' 'Data collection'           
# 
loop_
_pdbx_audit_revision_category.ordinal 
_pdbx_audit_revision_category.revision_ordinal 
_pdbx_audit_revision_category.data_content_type 
_pdbx_audit_revision_category.category 
1 4 'Structure model' database_2            
2 4 'Structure model' pdbx_database_status  
3 4 'Structure model' pdbx_nmr_software     
4 4 'Structure model' pdbx_struct_assembly  
5 4 'Structure model' pdbx_struct_oper_list 
6 5 'Structure model' chem_comp_atom        
7 5 'Structure model' chem_comp_bond        
# 
loop_
_pdbx_audit_revision_item.ordinal 
_pdbx_audit_revision_item.revision_ordinal 
_pdbx_audit_revision_item.data_content_type 
_pdbx_audit_revision_item.item 
1 4 'Structure model' '_database_2.pdbx_DOI'                
2 4 'Structure model' '_database_2.pdbx_database_accession' 
3 4 'Structure model' '_pdbx_database_status.process_site'  
4 4 'Structure model' '_pdbx_nmr_software.name'             
# 
_pdbx_database_status.status_code                     REL 
_pdbx_database_status.entry_id                        1UQD 
_pdbx_database_status.recvd_initial_deposition_date   1996-06-26 
_pdbx_database_status.deposit_site                    ? 
_pdbx_database_status.process_site                    BNL 
_pdbx_database_status.status_code_sf                  ? 
_pdbx_database_status.status_code_mr                  REL 
_pdbx_database_status.SG_entry                        ? 
_pdbx_database_status.pdb_format_compatible           Y 
_pdbx_database_status.status_code_cs                  ? 
_pdbx_database_status.status_code_nmr_data            ? 
_pdbx_database_status.methods_development_category    ? 
# 
loop_
_pdbx_database_related.db_name 
_pdbx_database_related.db_id 
_pdbx_database_related.details 
_pdbx_database_related.content_type 
PDB 1BUF 'MINIMIZED AVERAGE STRUCTURE' unspecified 
PDB 1UQA 'MINIMIZED AVERAGE STRUCTURE' unspecified 
PDB 1UQB 'MINIMIZED AVERAGE STRUCTURE' unspecified 
PDB 1UQC 'MINIMIZED AVERAGE STRUCTURE' unspecified 
PDB 1UQE 'MINIMIZED AVERAGE STRUCTURE' unspecified 
PDB 1UQF 'MINIMIZED AVERAGE STRUCTURE' unspecified 
PDB 1UQG 'MINIMIZED AVERAGE STRUCTURE' unspecified 
# 
loop_
_audit_author.name 
_audit_author.pdbx_ordinal 
'Lam, S.L.'        1 
'Au-Yeung, S.C.F.' 2 
# 
_citation.id                        primary 
_citation.title                     
;Sequence-specific local structural variations in solution structures of d(CGXX'CG)2 and d(CAXX'TG)2 self-complementary deoxyribonucleic acids.
;
_citation.journal_abbrev            J.Mol.Biol. 
_citation.journal_volume            266 
_citation.page_first                745 
_citation.page_last                 760 
_citation.year                      1997 
_citation.journal_id_ASTM           JMOBAK 
_citation.country                   UK 
_citation.journal_id_ISSN           0022-2836 
_citation.journal_id_CSD            0070 
_citation.book_publisher            ? 
_citation.pdbx_database_id_PubMed   9102467 
_citation.pdbx_database_id_DOI      10.1006/jmbi.1996.0783 
# 
loop_
_citation_author.citation_id 
_citation_author.name 
_citation_author.ordinal 
_citation_author.identifier_ORCID 
primary 'Lam, S.L.'      1 ? 
primary 'Au-Yeung, S.C.' 2 ? 
# 
_entity.id                         1 
_entity.type                       polymer 
_entity.src_method                 syn 
_entity.pdbx_description           
;DNA (5'-D(*CP*GP*AP*TP*CP*G)-3')
;
_entity.formula_weight             1809.217 
_entity.pdbx_number_of_molecules   2 
_entity.pdbx_ec                    ? 
_entity.pdbx_mutation              ? 
_entity.pdbx_fragment              ? 
_entity.details                    'IN 10 MM SODIUM PHOSPHATE BUFFER AT 10 DEG. CELSIUS, 6.1 MM DOUBLE STRANDED CONCENTRATION' 
# 
_entity_poly.entity_id                      1 
_entity_poly.type                           polydeoxyribonucleotide 
_entity_poly.nstd_linkage                   no 
_entity_poly.nstd_monomer                   no 
_entity_poly.pdbx_seq_one_letter_code       '(DC)(DG)(DA)(DT)(DC)(DG)' 
_entity_poly.pdbx_seq_one_letter_code_can   CGATCG 
_entity_poly.pdbx_strand_id                 A,B 
_entity_poly.pdbx_target_identifier         ? 
# 
loop_
_entity_poly_seq.entity_id 
_entity_poly_seq.num 
_entity_poly_seq.mon_id 
_entity_poly_seq.hetero 
1 1 DC n 
1 2 DG n 
1 3 DA n 
1 4 DT n 
1 5 DC n 
1 6 DG n 
# 
loop_
_chem_comp.id 
_chem_comp.type 
_chem_comp.mon_nstd_flag 
_chem_comp.name 
_chem_comp.pdbx_synonyms 
_chem_comp.formula 
_chem_comp.formula_weight 
DA 'DNA linking' y "2'-DEOXYADENOSINE-5'-MONOPHOSPHATE" ? 'C10 H14 N5 O6 P' 331.222 
DC 'DNA linking' y "2'-DEOXYCYTIDINE-5'-MONOPHOSPHATE"  ? 'C9 H14 N3 O7 P'  307.197 
DG 'DNA linking' y "2'-DEOXYGUANOSINE-5'-MONOPHOSPHATE" ? 'C10 H14 N5 O7 P' 347.221 
DT 'DNA linking' y "THYMIDINE-5'-MONOPHOSPHATE"         ? 'C10 H15 N2 O8 P' 322.208 
# 
loop_
_pdbx_poly_seq_scheme.asym_id 
_pdbx_poly_seq_scheme.entity_id 
_pdbx_poly_seq_scheme.seq_id 
_pdbx_poly_seq_scheme.mon_id 
_pdbx_poly_seq_scheme.ndb_seq_num 
_pdbx_poly_seq_scheme.pdb_seq_num 
_pdbx_poly_seq_scheme.auth_seq_num 
_pdbx_poly_seq_scheme.pdb_mon_id 
_pdbx_poly_seq_scheme.auth_mon_id 
_pdbx_poly_seq_scheme.pdb_strand_id 
_pdbx_poly_seq_scheme.pdb_ins_code 
_pdbx_poly_seq_scheme.hetero 
A 1 1 DC 1 1  1  DC C A . n 
A 1 2 DG 2 2  2  DG G A . n 
A 1 3 DA 3 3  3  DA A A . n 
A 1 4 DT 4 4  4  DT T A . n 
A 1 5 DC 5 5  5  DC C A . n 
A 1 6 DG 6 6  6  DG G A . n 
B 1 1 DC 1 7  7  DC C B . n 
B 1 2 DG 2 8  8  DG G B . n 
B 1 3 DA 3 9  9  DA A B . n 
B 1 4 DT 4 10 10 DT T B . n 
B 1 5 DC 5 11 11 DC C B . n 
B 1 6 DG 6 12 12 DG G B . n 
# 
_software.name             AMBER 
_software.classification   refinement 
_software.version          . 
_software.citation_id      ? 
_software.pdbx_ordinal     1 
# 
_cell.entry_id           1UQD 
_cell.length_a           1.000 
_cell.length_b           1.000 
_cell.length_c           1.000 
_cell.angle_alpha        90.00 
_cell.angle_beta         90.00 
_cell.angle_gamma        90.00 
_cell.Z_PDB              1 
_cell.pdbx_unique_axis   ? 
# 
_symmetry.entry_id                         1UQD 
_symmetry.space_group_name_H-M             'P 1' 
_symmetry.pdbx_full_space_group_name_H-M   ? 
_symmetry.cell_setting                     ? 
_symmetry.Int_Tables_number                1 
# 
_exptl.entry_id          1UQD 
_exptl.method            'SOLUTION NMR' 
_exptl.crystals_number   ? 
# 
_struct.entry_id                  1UQD 
_struct.title                     
;SELF-COMPLEMENTARY DNA 5'-D(CGATCG)2, NMR, MINIMIZED AVERAGE STRUCTURE
;
_struct.pdbx_model_details        ? 
_struct.pdbx_CASP_flag            ? 
_struct.pdbx_model_type_details   ? 
# 
_struct_keywords.entry_id        1UQD 
_struct_keywords.pdbx_keywords   DNA 
_struct_keywords.text            'DEOXYRIBONUCLEIC ACID, DNA' 
# 
loop_
_struct_asym.id 
_struct_asym.pdbx_blank_PDB_chainid_flag 
_struct_asym.pdbx_modified 
_struct_asym.entity_id 
_struct_asym.details 
A N N 1 ? 
B N N 1 ? 
# 
_struct_ref.id                         1 
_struct_ref.entity_id                  1 
_struct_ref.db_name                    PDB 
_struct_ref.db_code                    1UQD 
_struct_ref.pdbx_db_accession          1UQD 
_struct_ref.pdbx_db_isoform            ? 
_struct_ref.pdbx_seq_one_letter_code   ? 
_struct_ref.pdbx_align_begin           ? 
# 
loop_
_struct_ref_seq.align_id 
_struct_ref_seq.ref_id 
_struct_ref_seq.pdbx_PDB_id_code 
_struct_ref_seq.pdbx_strand_id 
_struct_ref_seq.seq_align_beg 
_struct_ref_seq.pdbx_seq_align_beg_ins_code 
_struct_ref_seq.seq_align_end 
_struct_ref_seq.pdbx_seq_align_end_ins_code 
_struct_ref_seq.pdbx_db_accession 
_struct_ref_seq.db_align_beg 
_struct_ref_seq.pdbx_db_align_beg_ins_code 
_struct_ref_seq.db_align_end 
_struct_ref_seq.pdbx_db_align_end_ins_code 
_struct_ref_seq.pdbx_auth_seq_align_beg 
_struct_ref_seq.pdbx_auth_seq_align_end 
1 1 1UQD A 1 ? 6 ? 1UQD 1 ? 6  ? 1 6  
2 1 1UQD B 1 ? 6 ? 1UQD 7 ? 12 ? 7 12 
# 
_pdbx_struct_assembly.id                   1 
_pdbx_struct_assembly.details              author_defined_assembly 
_pdbx_struct_assembly.method_details       ? 
_pdbx_struct_assembly.oligomeric_details   dimeric 
_pdbx_struct_assembly.oligomeric_count     2 
# 
_pdbx_struct_assembly_gen.assembly_id       1 
_pdbx_struct_assembly_gen.oper_expression   1 
_pdbx_struct_assembly_gen.asym_id_list      A,B 
# 
_pdbx_struct_oper_list.id                   1 
_pdbx_struct_oper_list.type                 'identity operation' 
_pdbx_struct_oper_list.name                 1_555 
_pdbx_struct_oper_list.symmetry_operation   x,y,z 
_pdbx_struct_oper_list.matrix[1][1]         1.0000000000 
_pdbx_struct_oper_list.matrix[1][2]         0.0000000000 
_pdbx_struct_oper_list.matrix[1][3]         0.0000000000 
_pdbx_struct_oper_list.vector[1]            0.0000000000 
_pdbx_struct_oper_list.matrix[2][1]         0.0000000000 
_pdbx_struct_oper_list.matrix[2][2]         1.0000000000 
_pdbx_struct_oper_list.matrix[2][3]         0.0000000000 
_pdbx_struct_oper_list.vector[2]            0.0000000000 
_pdbx_struct_oper_list.matrix[3][1]         0.0000000000 
_pdbx_struct_oper_list.matrix[3][2]         0.0000000000 
_pdbx_struct_oper_list.matrix[3][3]         1.0000000000 
_pdbx_struct_oper_list.vector[3]            0.0000000000 
# 
_struct_biol.id   1 
# 
loop_
_struct_conn.id 
_struct_conn.conn_type_id 
_struct_conn.pdbx_leaving_atom_flag 
_struct_conn.pdbx_PDB_id 
_struct_conn.ptnr1_label_asym_id 
_struct_conn.ptnr1_label_comp_id 
_struct_conn.ptnr1_label_seq_id 
_struct_conn.ptnr1_label_atom_id 
_struct_conn.pdbx_ptnr1_label_alt_id 
_struct_conn.pdbx_ptnr1_PDB_ins_code 
_struct_conn.pdbx_ptnr1_standard_comp_id 
_struct_conn.ptnr1_symmetry 
_struct_conn.ptnr2_label_asym_id 
_struct_conn.ptnr2_label_comp_id 
_struct_conn.ptnr2_label_seq_id 
_struct_conn.ptnr2_label_atom_id 
_struct_conn.pdbx_ptnr2_label_alt_id 
_struct_conn.pdbx_ptnr2_PDB_ins_code 
_struct_conn.ptnr1_auth_asym_id 
_struct_conn.ptnr1_auth_comp_id 
_struct_conn.ptnr1_auth_seq_id 
_struct_conn.ptnr2_auth_asym_id 
_struct_conn.ptnr2_auth_comp_id 
_struct_conn.ptnr2_auth_seq_id 
_struct_conn.ptnr2_symmetry 
_struct_conn.pdbx_ptnr3_label_atom_id 
_struct_conn.pdbx_ptnr3_label_seq_id 
_struct_conn.pdbx_ptnr3_label_comp_id 
_struct_conn.pdbx_ptnr3_label_asym_id 
_struct_conn.pdbx_ptnr3_label_alt_id 
_struct_conn.pdbx_ptnr3_PDB_ins_code 
_struct_conn.details 
_struct_conn.pdbx_dist_value 
_struct_conn.pdbx_value_order 
_struct_conn.pdbx_role 
hydrog1  hydrog ? ? A DC 1 N3 ? ? ? 1_555 B DG 6 N1 ? ? A DC 1 B DG 12 1_555 ? ? ? ? ? ? WATSON-CRICK ? ? ? 
hydrog2  hydrog ? ? A DC 1 N4 ? ? ? 1_555 B DG 6 O6 ? ? A DC 1 B DG 12 1_555 ? ? ? ? ? ? WATSON-CRICK ? ? ? 
hydrog3  hydrog ? ? A DC 1 O2 ? ? ? 1_555 B DG 6 N2 ? ? A DC 1 B DG 12 1_555 ? ? ? ? ? ? WATSON-CRICK ? ? ? 
hydrog4  hydrog ? ? A DG 2 N1 ? ? ? 1_555 B DC 5 N3 ? ? A DG 2 B DC 11 1_555 ? ? ? ? ? ? WATSON-CRICK ? ? ? 
hydrog5  hydrog ? ? A DG 2 N2 ? ? ? 1_555 B DC 5 O2 ? ? A DG 2 B DC 11 1_555 ? ? ? ? ? ? WATSON-CRICK ? ? ? 
hydrog6  hydrog ? ? A DG 2 O6 ? ? ? 1_555 B DC 5 N4 ? ? A DG 2 B DC 11 1_555 ? ? ? ? ? ? WATSON-CRICK ? ? ? 
hydrog7  hydrog ? ? A DA 3 N1 ? ? ? 1_555 B DT 4 N3 ? ? A DA 3 B DT 10 1_555 ? ? ? ? ? ? WATSON-CRICK ? ? ? 
hydrog8  hydrog ? ? A DA 3 N6 ? ? ? 1_555 B DT 4 O4 ? ? A DA 3 B DT 10 1_555 ? ? ? ? ? ? WATSON-CRICK ? ? ? 
hydrog9  hydrog ? ? A DT 4 N3 ? ? ? 1_555 B DA 3 N1 ? ? A DT 4 B DA 9  1_555 ? ? ? ? ? ? WATSON-CRICK ? ? ? 
hydrog10 hydrog ? ? A DT 4 O4 ? ? ? 1_555 B DA 3 N6 ? ? A DT 4 B DA 9  1_555 ? ? ? ? ? ? WATSON-CRICK ? ? ? 
hydrog11 hydrog ? ? A DC 5 N3 ? ? ? 1_555 B DG 2 N1 ? ? A DC 5 B DG 8  1_555 ? ? ? ? ? ? WATSON-CRICK ? ? ? 
hydrog12 hydrog ? ? A DC 5 N4 ? ? ? 1_555 B DG 2 O6 ? ? A DC 5 B DG 8  1_555 ? ? ? ? ? ? WATSON-CRICK ? ? ? 
hydrog13 hydrog ? ? A DC 5 O2 ? ? ? 1_555 B DG 2 N2 ? ? A DC 5 B DG 8  1_555 ? ? ? ? ? ? WATSON-CRICK ? ? ? 
hydrog14 hydrog ? ? A DG 6 N1 ? ? ? 1_555 B DC 1 N3 ? ? A DG 6 B DC 7  1_555 ? ? ? ? ? ? WATSON-CRICK ? ? ? 
hydrog15 hydrog ? ? A DG 6 N2 ? ? ? 1_555 B DC 1 O2 ? ? A DG 6 B DC 7  1_555 ? ? ? ? ? ? WATSON-CRICK ? ? ? 
hydrog16 hydrog ? ? A DG 6 O6 ? ? ? 1_555 B DC 1 N4 ? ? A DG 6 B DC 7  1_555 ? ? ? ? ? ? WATSON-CRICK ? ? ? 
# 
_struct_conn_type.id          hydrog 
_struct_conn_type.criteria    ? 
_struct_conn_type.reference   ? 
# 
loop_
_pdbx_validate_rmsd_angle.id 
_pdbx_validate_rmsd_angle.PDB_model_num 
_pdbx_validate_rmsd_angle.auth_atom_id_1 
_pdbx_validate_rmsd_angle.auth_asym_id_1 
_pdbx_validate_rmsd_angle.auth_comp_id_1 
_pdbx_validate_rmsd_angle.auth_seq_id_1 
_pdbx_validate_rmsd_angle.PDB_ins_code_1 
_pdbx_validate_rmsd_angle.label_alt_id_1 
_pdbx_validate_rmsd_angle.auth_atom_id_2 
_pdbx_validate_rmsd_angle.auth_asym_id_2 
_pdbx_validate_rmsd_angle.auth_comp_id_2 
_pdbx_validate_rmsd_angle.auth_seq_id_2 
_pdbx_validate_rmsd_angle.PDB_ins_code_2 
_pdbx_validate_rmsd_angle.label_alt_id_2 
_pdbx_validate_rmsd_angle.auth_atom_id_3 
_pdbx_validate_rmsd_angle.auth_asym_id_3 
_pdbx_validate_rmsd_angle.auth_comp_id_3 
_pdbx_validate_rmsd_angle.auth_seq_id_3 
_pdbx_validate_rmsd_angle.PDB_ins_code_3 
_pdbx_validate_rmsd_angle.label_alt_id_3 
_pdbx_validate_rmsd_angle.angle_value 
_pdbx_validate_rmsd_angle.angle_target_value 
_pdbx_validate_rmsd_angle.angle_deviation 
_pdbx_validate_rmsd_angle.angle_standard_deviation 
_pdbx_validate_rmsd_angle.linker_flag 
1  1 "O4'" A DC 1  ? ? "C4'" A DC 1  ? ? "C3'" A DC 1  ? ? 110.27 106.00 4.27  0.60 N 
2  1 "O4'" A DT 4  ? ? "C4'" A DT 4  ? ? "C3'" A DT 4  ? ? 114.92 106.00 8.92  0.60 N 
3  1 "C5'" A DT 4  ? ? "C4'" A DT 4  ? ? "O4'" A DT 4  ? ? 118.88 109.80 9.08  1.10 N 
4  1 "C4'" A DT 4  ? ? "C3'" A DT 4  ? ? "C2'" A DT 4  ? ? 96.84  102.20 -5.36 0.70 N 
5  1 "O4'" A DT 4  ? ? "C1'" A DT 4  ? ? N1    A DT 4  ? ? 113.98 108.30 5.68  0.30 N 
6  1 "O4'" A DC 5  ? ? "C4'" A DC 5  ? ? "C3'" A DC 5  ? ? 113.58 106.00 7.58  0.60 N 
7  1 "C5'" A DC 5  ? ? "C4'" A DC 5  ? ? "O4'" A DC 5  ? ? 117.15 109.80 7.35  1.10 N 
8  1 "C5'" A DG 6  ? ? "C4'" A DG 6  ? ? "O4'" A DG 6  ? ? 120.94 109.80 11.14 1.10 N 
9  1 "O4'" B DC 7  ? ? "C4'" B DC 7  ? ? "C3'" B DC 7  ? ? 109.99 106.00 3.99  0.60 N 
10 1 "O4'" B DT 10 ? ? "C4'" B DT 10 ? ? "C3'" B DT 10 ? ? 114.92 106.00 8.92  0.60 N 
11 1 "C5'" B DT 10 ? ? "C4'" B DT 10 ? ? "O4'" B DT 10 ? ? 118.90 109.80 9.10  1.10 N 
12 1 "C4'" B DT 10 ? ? "C3'" B DT 10 ? ? "C2'" B DT 10 ? ? 96.82  102.20 -5.38 0.70 N 
13 1 "O4'" B DT 10 ? ? "C1'" B DT 10 ? ? N1    B DT 10 ? ? 113.99 108.30 5.69  0.30 N 
14 1 "O4'" B DC 11 ? ? "C4'" B DC 11 ? ? "C3'" B DC 11 ? ? 113.58 106.00 7.58  0.60 N 
15 1 "C5'" B DC 11 ? ? "C4'" B DC 11 ? ? "O4'" B DC 11 ? ? 117.13 109.80 7.33  1.10 N 
16 1 "C5'" B DG 12 ? ? "C4'" B DG 12 ? ? "O4'" B DG 12 ? ? 120.99 109.80 11.19 1.10 N 
# 
loop_
_pdbx_validate_planes.id 
_pdbx_validate_planes.PDB_model_num 
_pdbx_validate_planes.auth_comp_id 
_pdbx_validate_planes.auth_asym_id 
_pdbx_validate_planes.auth_seq_id 
_pdbx_validate_planes.PDB_ins_code 
_pdbx_validate_planes.label_alt_id 
_pdbx_validate_planes.rmsd 
_pdbx_validate_planes.type 
1 1 DG A 2  ? ? 0.082 'SIDE CHAIN' 
2 1 DA A 3  ? ? 0.078 'SIDE CHAIN' 
3 1 DG A 6  ? ? 0.079 'SIDE CHAIN' 
4 1 DG B 8  ? ? 0.083 'SIDE CHAIN' 
5 1 DA B 9  ? ? 0.078 'SIDE CHAIN' 
6 1 DG B 12 ? ? 0.079 'SIDE CHAIN' 
# 
_pdbx_nmr_ensemble.entry_id                             1UQD 
_pdbx_nmr_ensemble.conformers_calculated_total_number   ? 
_pdbx_nmr_ensemble.conformers_submitted_total_number    1 
_pdbx_nmr_ensemble.conformer_selection_criteria         ? 
# 
_pdbx_nmr_exptl_sample_conditions.conditions_id       1 
_pdbx_nmr_exptl_sample_conditions.temperature         283 
_pdbx_nmr_exptl_sample_conditions.pressure            ? 
_pdbx_nmr_exptl_sample_conditions.pH                  ? 
_pdbx_nmr_exptl_sample_conditions.ionic_strength      ? 
_pdbx_nmr_exptl_sample_conditions.pressure_units      . 
_pdbx_nmr_exptl_sample_conditions.temperature_units   K 
# 
_pdbx_nmr_details.entry_id   1UQD 
_pdbx_nmr_details.text       'IN 10 MM SODIUM PHOSPHATE BUFFER AT 10 DEGREES CELSIUS, 5.2 MM DOUBLE STRANDED CONCENTRATION' 
# 
_pdbx_nmr_software.classification   refinement 
_pdbx_nmr_software.name             Amber 
_pdbx_nmr_software.version          4.0 
_pdbx_nmr_software.authors          'PEARLMAN,CASE,CALDWELL,SEIBEL,SINGH,WEINER, KOLLMAN' 
_pdbx_nmr_software.ordinal          1 
# 
loop_
_chem_comp_atom.comp_id 
_chem_comp_atom.atom_id 
_chem_comp_atom.type_symbol 
_chem_comp_atom.pdbx_aromatic_flag 
_chem_comp_atom.pdbx_stereo_config 
_chem_comp_atom.pdbx_ordinal 
DA OP3    O N N 1   
DA P      P N N 2   
DA OP1    O N N 3   
DA OP2    O N N 4   
DA "O5'"  O N N 5   
DA "C5'"  C N N 6   
DA "C4'"  C N R 7   
DA "O4'"  O N N 8   
DA "C3'"  C N S 9   
DA "O3'"  O N N 10  
DA "C2'"  C N N 11  
DA "C1'"  C N R 12  
DA N9     N Y N 13  
DA C8     C Y N 14  
DA N7     N Y N 15  
DA C5     C Y N 16  
DA C6     C Y N 17  
DA N6     N N N 18  
DA N1     N Y N 19  
DA C2     C Y N 20  
DA N3     N Y N 21  
DA C4     C Y N 22  
DA HOP3   H N N 23  
DA HOP2   H N N 24  
DA "H5'"  H N N 25  
DA "H5''" H N N 26  
DA "H4'"  H N N 27  
DA "H3'"  H N N 28  
DA "HO3'" H N N 29  
DA "H2'"  H N N 30  
DA "H2''" H N N 31  
DA "H1'"  H N N 32  
DA H8     H N N 33  
DA H61    H N N 34  
DA H62    H N N 35  
DA H2     H N N 36  
DC OP3    O N N 37  
DC P      P N N 38  
DC OP1    O N N 39  
DC OP2    O N N 40  
DC "O5'"  O N N 41  
DC "C5'"  C N N 42  
DC "C4'"  C N R 43  
DC "O4'"  O N N 44  
DC "C3'"  C N S 45  
DC "O3'"  O N N 46  
DC "C2'"  C N N 47  
DC "C1'"  C N R 48  
DC N1     N N N 49  
DC C2     C N N 50  
DC O2     O N N 51  
DC N3     N N N 52  
DC C4     C N N 53  
DC N4     N N N 54  
DC C5     C N N 55  
DC C6     C N N 56  
DC HOP3   H N N 57  
DC HOP2   H N N 58  
DC "H5'"  H N N 59  
DC "H5''" H N N 60  
DC "H4'"  H N N 61  
DC "H3'"  H N N 62  
DC "HO3'" H N N 63  
DC "H2'"  H N N 64  
DC "H2''" H N N 65  
DC "H1'"  H N N 66  
DC H41    H N N 67  
DC H42    H N N 68  
DC H5     H N N 69  
DC H6     H N N 70  
DG OP3    O N N 71  
DG P      P N N 72  
DG OP1    O N N 73  
DG OP2    O N N 74  
DG "O5'"  O N N 75  
DG "C5'"  C N N 76  
DG "C4'"  C N R 77  
DG "O4'"  O N N 78  
DG "C3'"  C N S 79  
DG "O3'"  O N N 80  
DG "C2'"  C N N 81  
DG "C1'"  C N R 82  
DG N9     N Y N 83  
DG C8     C Y N 84  
DG N7     N Y N 85  
DG C5     C Y N 86  
DG C6     C N N 87  
DG O6     O N N 88  
DG N1     N N N 89  
DG C2     C N N 90  
DG N2     N N N 91  
DG N3     N N N 92  
DG C4     C Y N 93  
DG HOP3   H N N 94  
DG HOP2   H N N 95  
DG "H5'"  H N N 96  
DG "H5''" H N N 97  
DG "H4'"  H N N 98  
DG "H3'"  H N N 99  
DG "HO3'" H N N 100 
DG "H2'"  H N N 101 
DG "H2''" H N N 102 
DG "H1'"  H N N 103 
DG H8     H N N 104 
DG H1     H N N 105 
DG H21    H N N 106 
DG H22    H N N 107 
DT OP3    O N N 108 
DT P      P N N 109 
DT OP1    O N N 110 
DT OP2    O N N 111 
DT "O5'"  O N N 112 
DT "C5'"  C N N 113 
DT "C4'"  C N R 114 
DT "O4'"  O N N 115 
DT "C3'"  C N S 116 
DT "O3'"  O N N 117 
DT "C2'"  C N N 118 
DT "C1'"  C N R 119 
DT N1     N N N 120 
DT C2     C N N 121 
DT O2     O N N 122 
DT N3     N N N 123 
DT C4     C N N 124 
DT O4     O N N 125 
DT C5     C N N 126 
DT C7     C N N 127 
DT C6     C N N 128 
DT HOP3   H N N 129 
DT HOP2   H N N 130 
DT "H5'"  H N N 131 
DT "H5''" H N N 132 
DT "H4'"  H N N 133 
DT "H3'"  H N N 134 
DT "HO3'" H N N 135 
DT "H2'"  H N N 136 
DT "H2''" H N N 137 
DT "H1'"  H N N 138 
DT H3     H N N 139 
DT H71    H N N 140 
DT H72    H N N 141 
DT H73    H N N 142 
DT H6     H N N 143 
# 
loop_
_chem_comp_bond.comp_id 
_chem_comp_bond.atom_id_1 
_chem_comp_bond.atom_id_2 
_chem_comp_bond.value_order 
_chem_comp_bond.pdbx_aromatic_flag 
_chem_comp_bond.pdbx_stereo_config 
_chem_comp_bond.pdbx_ordinal 
DA OP3   P      sing N N 1   
DA OP3   HOP3   sing N N 2   
DA P     OP1    doub N N 3   
DA P     OP2    sing N N 4   
DA P     "O5'"  sing N N 5   
DA OP2   HOP2   sing N N 6   
DA "O5'" "C5'"  sing N N 7   
DA "C5'" "C4'"  sing N N 8   
DA "C5'" "H5'"  sing N N 9   
DA "C5'" "H5''" sing N N 10  
DA "C4'" "O4'"  sing N N 11  
DA "C4'" "C3'"  sing N N 12  
DA "C4'" "H4'"  sing N N 13  
DA "O4'" "C1'"  sing N N 14  
DA "C3'" "O3'"  sing N N 15  
DA "C3'" "C2'"  sing N N 16  
DA "C3'" "H3'"  sing N N 17  
DA "O3'" "HO3'" sing N N 18  
DA "C2'" "C1'"  sing N N 19  
DA "C2'" "H2'"  sing N N 20  
DA "C2'" "H2''" sing N N 21  
DA "C1'" N9     sing N N 22  
DA "C1'" "H1'"  sing N N 23  
DA N9    C8     sing Y N 24  
DA N9    C4     sing Y N 25  
DA C8    N7     doub Y N 26  
DA C8    H8     sing N N 27  
DA N7    C5     sing Y N 28  
DA C5    C6     sing Y N 29  
DA C5    C4     doub Y N 30  
DA C6    N6     sing N N 31  
DA C6    N1     doub Y N 32  
DA N6    H61    sing N N 33  
DA N6    H62    sing N N 34  
DA N1    C2     sing Y N 35  
DA C2    N3     doub Y N 36  
DA C2    H2     sing N N 37  
DA N3    C4     sing Y N 38  
DC OP3   P      sing N N 39  
DC OP3   HOP3   sing N N 40  
DC P     OP1    doub N N 41  
DC P     OP2    sing N N 42  
DC P     "O5'"  sing N N 43  
DC OP2   HOP2   sing N N 44  
DC "O5'" "C5'"  sing N N 45  
DC "C5'" "C4'"  sing N N 46  
DC "C5'" "H5'"  sing N N 47  
DC "C5'" "H5''" sing N N 48  
DC "C4'" "O4'"  sing N N 49  
DC "C4'" "C3'"  sing N N 50  
DC "C4'" "H4'"  sing N N 51  
DC "O4'" "C1'"  sing N N 52  
DC "C3'" "O3'"  sing N N 53  
DC "C3'" "C2'"  sing N N 54  
DC "C3'" "H3'"  sing N N 55  
DC "O3'" "HO3'" sing N N 56  
DC "C2'" "C1'"  sing N N 57  
DC "C2'" "H2'"  sing N N 58  
DC "C2'" "H2''" sing N N 59  
DC "C1'" N1     sing N N 60  
DC "C1'" "H1'"  sing N N 61  
DC N1    C2     sing N N 62  
DC N1    C6     sing N N 63  
DC C2    O2     doub N N 64  
DC C2    N3     sing N N 65  
DC N3    C4     doub N N 66  
DC C4    N4     sing N N 67  
DC C4    C5     sing N N 68  
DC N4    H41    sing N N 69  
DC N4    H42    sing N N 70  
DC C5    C6     doub N N 71  
DC C5    H5     sing N N 72  
DC C6    H6     sing N N 73  
DG OP3   P      sing N N 74  
DG OP3   HOP3   sing N N 75  
DG P     OP1    doub N N 76  
DG P     OP2    sing N N 77  
DG P     "O5'"  sing N N 78  
DG OP2   HOP2   sing N N 79  
DG "O5'" "C5'"  sing N N 80  
DG "C5'" "C4'"  sing N N 81  
DG "C5'" "H5'"  sing N N 82  
DG "C5'" "H5''" sing N N 83  
DG "C4'" "O4'"  sing N N 84  
DG "C4'" "C3'"  sing N N 85  
DG "C4'" "H4'"  sing N N 86  
DG "O4'" "C1'"  sing N N 87  
DG "C3'" "O3'"  sing N N 88  
DG "C3'" "C2'"  sing N N 89  
DG "C3'" "H3'"  sing N N 90  
DG "O3'" "HO3'" sing N N 91  
DG "C2'" "C1'"  sing N N 92  
DG "C2'" "H2'"  sing N N 93  
DG "C2'" "H2''" sing N N 94  
DG "C1'" N9     sing N N 95  
DG "C1'" "H1'"  sing N N 96  
DG N9    C8     sing Y N 97  
DG N9    C4     sing Y N 98  
DG C8    N7     doub Y N 99  
DG C8    H8     sing N N 100 
DG N7    C5     sing Y N 101 
DG C5    C6     sing N N 102 
DG C5    C4     doub Y N 103 
DG C6    O6     doub N N 104 
DG C6    N1     sing N N 105 
DG N1    C2     sing N N 106 
DG N1    H1     sing N N 107 
DG C2    N2     sing N N 108 
DG C2    N3     doub N N 109 
DG N2    H21    sing N N 110 
DG N2    H22    sing N N 111 
DG N3    C4     sing N N 112 
DT OP3   P      sing N N 113 
DT OP3   HOP3   sing N N 114 
DT P     OP1    doub N N 115 
DT P     OP2    sing N N 116 
DT P     "O5'"  sing N N 117 
DT OP2   HOP2   sing N N 118 
DT "O5'" "C5'"  sing N N 119 
DT "C5'" "C4'"  sing N N 120 
DT "C5'" "H5'"  sing N N 121 
DT "C5'" "H5''" sing N N 122 
DT "C4'" "O4'"  sing N N 123 
DT "C4'" "C3'"  sing N N 124 
DT "C4'" "H4'"  sing N N 125 
DT "O4'" "C1'"  sing N N 126 
DT "C3'" "O3'"  sing N N 127 
DT "C3'" "C2'"  sing N N 128 
DT "C3'" "H3'"  sing N N 129 
DT "O3'" "HO3'" sing N N 130 
DT "C2'" "C1'"  sing N N 131 
DT "C2'" "H2'"  sing N N 132 
DT "C2'" "H2''" sing N N 133 
DT "C1'" N1     sing N N 134 
DT "C1'" "H1'"  sing N N 135 
DT N1    C2     sing N N 136 
DT N1    C6     sing N N 137 
DT C2    O2     doub N N 138 
DT C2    N3     sing N N 139 
DT N3    C4     sing N N 140 
DT N3    H3     sing N N 141 
DT C4    O4     doub N N 142 
DT C4    C5     sing N N 143 
DT C5    C7     sing N N 144 
DT C5    C6     doub N N 145 
DT C7    H71    sing N N 146 
DT C7    H72    sing N N 147 
DT C7    H73    sing N N 148 
DT C6    H6     sing N N 149 
# 
_ndb_struct_conf_na.entry_id   1UQD 
_ndb_struct_conf_na.feature    'b-form double helix' 
# 
loop_
_ndb_struct_na_base_pair.model_number 
_ndb_struct_na_base_pair.i_label_asym_id 
_ndb_struct_na_base_pair.i_label_comp_id 
_ndb_struct_na_base_pair.i_label_seq_id 
_ndb_struct_na_base_pair.i_symmetry 
_ndb_struct_na_base_pair.j_label_asym_id 
_ndb_struct_na_base_pair.j_label_comp_id 
_ndb_struct_na_base_pair.j_label_seq_id 
_ndb_struct_na_base_pair.j_symmetry 
_ndb_struct_na_base_pair.shear 
_ndb_struct_na_base_pair.stretch 
_ndb_struct_na_base_pair.stagger 
_ndb_struct_na_base_pair.buckle 
_ndb_struct_na_base_pair.propeller 
_ndb_struct_na_base_pair.opening 
_ndb_struct_na_base_pair.pair_number 
_ndb_struct_na_base_pair.pair_name 
_ndb_struct_na_base_pair.i_auth_asym_id 
_ndb_struct_na_base_pair.i_auth_seq_id 
_ndb_struct_na_base_pair.i_PDB_ins_code 
_ndb_struct_na_base_pair.j_auth_asym_id 
_ndb_struct_na_base_pair.j_auth_seq_id 
_ndb_struct_na_base_pair.j_PDB_ins_code 
_ndb_struct_na_base_pair.hbond_type_28 
_ndb_struct_na_base_pair.hbond_type_12 
1 A DC 1 1_555 B DG 6 1_555 0.100  -0.149 0.075 1.738   -17.270 -0.567 1 A_DC1:DG12_B A 1 ? B 12 ? 19 1 
1 A DG 2 1_555 B DC 5 1_555 -0.165 -0.170 0.138 13.799  -7.829  -1.634 2 A_DG2:DC11_B A 2 ? B 11 ? 19 1 
1 A DA 3 1_555 B DT 4 1_555 -0.242 -0.209 0.418 4.346   -20.478 -3.687 3 A_DA3:DT10_B A 3 ? B 10 ? 20 1 
1 A DT 4 1_555 B DA 3 1_555 0.242  -0.210 0.420 -4.383  -20.504 -3.721 4 A_DT4:DA9_B  A 4 ? B 9  ? 20 1 
1 A DC 5 1_555 B DG 2 1_555 0.160  -0.169 0.139 -13.916 -7.860  -1.628 5 A_DC5:DG8_B  A 5 ? B 8  ? 19 1 
1 A DG 6 1_555 B DC 1 1_555 -0.099 -0.149 0.080 -1.565  -16.936 -0.604 6 A_DG6:DC7_B  A 6 ? B 7  ? 19 1 
# 
loop_
_ndb_struct_na_base_pair_step.model_number 
_ndb_struct_na_base_pair_step.i_label_asym_id_1 
_ndb_struct_na_base_pair_step.i_label_comp_id_1 
_ndb_struct_na_base_pair_step.i_label_seq_id_1 
_ndb_struct_na_base_pair_step.i_symmetry_1 
_ndb_struct_na_base_pair_step.j_label_asym_id_1 
_ndb_struct_na_base_pair_step.j_label_comp_id_1 
_ndb_struct_na_base_pair_step.j_label_seq_id_1 
_ndb_struct_na_base_pair_step.j_symmetry_1 
_ndb_struct_na_base_pair_step.i_label_asym_id_2 
_ndb_struct_na_base_pair_step.i_label_comp_id_2 
_ndb_struct_na_base_pair_step.i_label_seq_id_2 
_ndb_struct_na_base_pair_step.i_symmetry_2 
_ndb_struct_na_base_pair_step.j_label_asym_id_2 
_ndb_struct_na_base_pair_step.j_label_comp_id_2 
_ndb_struct_na_base_pair_step.j_label_seq_id_2 
_ndb_struct_na_base_pair_step.j_symmetry_2 
_ndb_struct_na_base_pair_step.shift 
_ndb_struct_na_base_pair_step.slide 
_ndb_struct_na_base_pair_step.rise 
_ndb_struct_na_base_pair_step.tilt 
_ndb_struct_na_base_pair_step.roll 
_ndb_struct_na_base_pair_step.twist 
_ndb_struct_na_base_pair_step.x_displacement 
_ndb_struct_na_base_pair_step.y_displacement 
_ndb_struct_na_base_pair_step.helical_rise 
_ndb_struct_na_base_pair_step.inclination 
_ndb_struct_na_base_pair_step.tip 
_ndb_struct_na_base_pair_step.helical_twist 
_ndb_struct_na_base_pair_step.step_number 
_ndb_struct_na_base_pair_step.step_name 
_ndb_struct_na_base_pair_step.i_auth_asym_id_1 
_ndb_struct_na_base_pair_step.i_auth_seq_id_1 
_ndb_struct_na_base_pair_step.i_PDB_ins_code_1 
_ndb_struct_na_base_pair_step.j_auth_asym_id_1 
_ndb_struct_na_base_pair_step.j_auth_seq_id_1 
_ndb_struct_na_base_pair_step.j_PDB_ins_code_1 
_ndb_struct_na_base_pair_step.i_auth_asym_id_2 
_ndb_struct_na_base_pair_step.i_auth_seq_id_2 
_ndb_struct_na_base_pair_step.i_PDB_ins_code_2 
_ndb_struct_na_base_pair_step.j_auth_asym_id_2 
_ndb_struct_na_base_pair_step.j_auth_seq_id_2 
_ndb_struct_na_base_pair_step.j_PDB_ins_code_2 
1 A DC 1 1_555 B DG 6 1_555 A DG 2 1_555 B DC 5 1_555 -0.296 0.589  3.032 1.377  3.884  37.406 0.441  0.626  3.063 6.033  -2.140 
37.624 1 AA_DC1DG2:DC11DG12_BB A 1 ? B 12 ? A 2 ? B 11 ? 
1 A DG 2 1_555 B DC 5 1_555 A DA 3 1_555 B DT 4 1_555 -0.489 0.301  3.247 -7.153 1.057  46.000 0.291  0.015  3.289 1.343  9.088  
46.534 2 AA_DG2DA3:DT10DC11_BB A 2 ? B 11 ? A 3 ? B 10 ? 
1 A DA 3 1_555 B DT 4 1_555 A DT 4 1_555 B DA 3 1_555 -0.003 -0.616 3.283 -0.015 -3.788 33.339 -0.438 0.002  3.330 -6.575 0.026  
33.547 3 AA_DA3DT4:DA9DT10_BB  A 3 ? B 10 ? A 4 ? B 9  ? 
1 A DT 4 1_555 B DA 3 1_555 A DC 5 1_555 B DG 2 1_555 0.489  0.304  3.248 7.177  1.027  45.995 0.298  -0.012 3.290 1.305  -9.117 
46.532 4 AA_DT4DC5:DG8DA9_BB   A 4 ? B 9  ? A 5 ? B 8  ? 
1 A DC 5 1_555 B DG 2 1_555 A DG 6 1_555 B DC 1 1_555 0.291  0.590  3.026 -1.442 3.733  37.354 0.462  -0.627 3.056 5.808  2.244  
37.560 5 AA_DC5DG6:DC7DG8_BB   A 5 ? B 8  ? A 6 ? B 7  ? 
# 
_atom_sites.entry_id                    1UQD 
_atom_sites.fract_transf_matrix[1][1]   1.000000 
_atom_sites.fract_transf_matrix[1][2]   0.000000 
_atom_sites.fract_transf_matrix[1][3]   0.000000 
_atom_sites.fract_transf_matrix[2][1]   0.000000 
_atom_sites.fract_transf_matrix[2][2]   1.000000 
_atom_sites.fract_transf_matrix[2][3]   0.000000 
_atom_sites.fract_transf_matrix[3][1]   0.000000 
_atom_sites.fract_transf_matrix[3][2]   0.000000 
_atom_sites.fract_transf_matrix[3][3]   1.000000 
_atom_sites.fract_transf_vector[1]      0.00000 
_atom_sites.fract_transf_vector[2]      0.00000 
_atom_sites.fract_transf_vector[3]      0.00000 
# 
loop_
_atom_type.symbol 
C 
H 
N 
O 
P 
# 
loop_
_atom_site.group_PDB 
_atom_site.id 
_atom_site.type_symbol 
_atom_site.label_atom_id 
_atom_site.label_alt_id 
_atom_site.label_comp_id 
_atom_site.label_asym_id 
_atom_site.label_entity_id 
_atom_site.label_seq_id 
_atom_site.pdbx_PDB_ins_code 
_atom_site.Cartn_x 
_atom_site.Cartn_y 
_atom_site.Cartn_z 
_atom_site.occupancy 
_atom_site.B_iso_or_equiv 
_atom_site.pdbx_formal_charge 
_atom_site.auth_seq_id 
_atom_site.auth_comp_id 
_atom_site.auth_asym_id 
_atom_site.auth_atom_id 
_atom_site.pdbx_PDB_model_num 
ATOM 1   O "O5'"  . DC A 1 1 ? -7.579 8.187   -3.028  1.00 0.00 ? 1  DC A "O5'"  1 
ATOM 2   C "C5'"  . DC A 1 1 ? -7.262 9.562   -2.998  1.00 0.00 ? 1  DC A "C5'"  1 
ATOM 3   C "C4'"  . DC A 1 1 ? -5.872 9.804   -2.398  1.00 0.00 ? 1  DC A "C4'"  1 
ATOM 4   O "O4'"  . DC A 1 1 ? -5.815 9.626   -1.006  1.00 0.00 ? 1  DC A "O4'"  1 
ATOM 5   C "C3'"  . DC A 1 1 ? -4.707 9.086   -3.070  1.00 0.00 ? 1  DC A "C3'"  1 
ATOM 6   O "O3'"  . DC A 1 1 ? -3.644 9.981   -3.367  1.00 0.00 ? 1  DC A "O3'"  1 
ATOM 7   C "C2'"  . DC A 1 1 ? -4.311 8.064   -2.005  1.00 0.00 ? 1  DC A "C2'"  1 
ATOM 8   C "C1'"  . DC A 1 1 ? -4.723 8.785   -0.727  1.00 0.00 ? 1  DC A "C1'"  1 
ATOM 9   N N1     . DC A 1 1 ? -5.118 7.771   0.274   1.00 0.00 ? 1  DC A N1     1 
ATOM 10  C C2     . DC A 1 1 ? -4.298 7.506   1.361   1.00 0.00 ? 1  DC A C2     1 
ATOM 11  O O2     . DC A 1 1 ? -3.264 8.144   1.544   1.00 0.00 ? 1  DC A O2     1 
ATOM 12  N N3     . DC A 1 1 ? -4.648 6.517   2.234   1.00 0.00 ? 1  DC A N3     1 
ATOM 13  C C4     . DC A 1 1 ? -5.748 5.786   2.006   1.00 0.00 ? 1  DC A C4     1 
ATOM 14  N N4     . DC A 1 1 ? -6.078 4.854   2.894   1.00 0.00 ? 1  DC A N4     1 
ATOM 15  C C5     . DC A 1 1 ? -6.582 6.003   0.860   1.00 0.00 ? 1  DC A C5     1 
ATOM 16  C C6     . DC A 1 1 ? -6.223 7.005   0.025   1.00 0.00 ? 1  DC A C6     1 
ATOM 17  H "H5'"  . DC A 1 1 ? -8.010 10.091  -2.409  1.00 0.00 ? 1  DC A "H5'"  1 
ATOM 18  H "H5''" . DC A 1 1 ? -7.282 9.944   -4.019  1.00 0.00 ? 1  DC A "H5''" 1 
ATOM 19  H "H4'"  . DC A 1 1 ? -5.607 10.844  -2.494  1.00 0.00 ? 1  DC A "H4'"  1 
ATOM 20  H "H3'"  . DC A 1 1 ? -5.144 8.620   -3.954  1.00 0.00 ? 1  DC A "H3'"  1 
ATOM 21  H "H2'"  . DC A 1 1 ? -4.828 7.099   -2.126  1.00 0.00 ? 1  DC A "H2'"  1 
ATOM 22  H "H2''" . DC A 1 1 ? -3.229 7.921   -1.917  1.00 0.00 ? 1  DC A "H2''" 1 
ATOM 23  H "H1'"  . DC A 1 1 ? -3.939 9.495   -0.460  1.00 0.00 ? 1  DC A "H1'"  1 
ATOM 24  H H41    . DC A 1 1 ? -5.501 4.717   3.716   1.00 0.00 ? 1  DC A H41    1 
ATOM 25  H H42    . DC A 1 1 ? -6.899 4.291   2.753   1.00 0.00 ? 1  DC A H42    1 
ATOM 26  H H5     . DC A 1 1 ? -7.453 5.408   0.632   1.00 0.00 ? 1  DC A H5     1 
ATOM 27  H H6     . DC A 1 1 ? -6.761 7.210   -0.897  1.00 0.00 ? 1  DC A H6     1 
ATOM 28  H "HO5'" . DC A 1 1 ? -8.452 8.083   -3.412  1.00 0.00 ? 1  DC A "HO5'" 1 
ATOM 29  P P      . DG A 1 2 ? -2.635 9.745   -4.599  1.00 0.00 ? 2  DG A P      1 
ATOM 30  O OP1    . DG A 1 2 ? -2.412 11.030  -5.299  1.00 0.00 ? 2  DG A OP1    1 
ATOM 31  O OP2    . DG A 1 2 ? -3.179 8.707   -5.500  1.00 0.00 ? 2  DG A OP2    1 
ATOM 32  O "O5'"  . DG A 1 2 ? -1.239 9.238   -4.009  1.00 0.00 ? 2  DG A "O5'"  1 
ATOM 33  C "C5'"  . DG A 1 2 ? -0.356 10.132  -3.354  1.00 0.00 ? 2  DG A "C5'"  1 
ATOM 34  C "C4'"  . DG A 1 2 ? 0.644  9.359   -2.488  1.00 0.00 ? 2  DG A "C4'"  1 
ATOM 35  O "O4'"  . DG A 1 2 ? -0.094 8.509   -1.630  1.00 0.00 ? 2  DG A "O4'"  1 
ATOM 36  C "C3'"  . DG A 1 2 ? 1.677  8.507   -3.269  1.00 0.00 ? 2  DG A "C3'"  1 
ATOM 37  O "O3'"  . DG A 1 2 ? 2.850  8.520   -2.480  1.00 0.00 ? 2  DG A "O3'"  1 
ATOM 38  C "C2'"  . DG A 1 2 ? 1.021  7.135   -3.113  1.00 0.00 ? 2  DG A "C2'"  1 
ATOM 39  C "C1'"  . DG A 1 2 ? 0.431  7.207   -1.727  1.00 0.00 ? 2  DG A "C1'"  1 
ATOM 40  N N9     . DG A 1 2 ? -0.630 6.236   -1.423  1.00 0.00 ? 2  DG A N9     1 
ATOM 41  C C8     . DG A 1 2 ? -1.733 5.956   -2.169  1.00 0.00 ? 2  DG A C8     1 
ATOM 42  N N7     . DG A 1 2 ? -2.627 5.229   -1.559  1.00 0.00 ? 2  DG A N7     1 
ATOM 43  C C5     . DG A 1 2 ? -2.056 4.991   -0.310  1.00 0.00 ? 2  DG A C5     1 
ATOM 44  C C6     . DG A 1 2 ? -2.547 4.263   0.813   1.00 0.00 ? 2  DG A C6     1 
ATOM 45  O O6     . DG A 1 2 ? -3.646 3.735   0.949   1.00 0.00 ? 2  DG A O6     1 
ATOM 46  N N1     . DG A 1 2 ? -1.623 4.182   1.845   1.00 0.00 ? 2  DG A N1     1 
ATOM 47  C C2     . DG A 1 2 ? -0.402 4.809   1.839   1.00 0.00 ? 2  DG A C2     1 
ATOM 48  N N2     . DG A 1 2 ? 0.416  4.617   2.865   1.00 0.00 ? 2  DG A N2     1 
ATOM 49  N N3     . DG A 1 2 ? 0.041  5.552   0.823   1.00 0.00 ? 2  DG A N3     1 
ATOM 50  C C4     . DG A 1 2 ? -0.824 5.592   -0.225  1.00 0.00 ? 2  DG A C4     1 
ATOM 51  H "H5'"  . DG A 1 2 ? -0.930 10.785  -2.693  1.00 0.00 ? 2  DG A "H5'"  1 
ATOM 52  H "H5''" . DG A 1 2 ? 0.172  10.747  -4.084  1.00 0.00 ? 2  DG A "H5''" 1 
ATOM 53  H "H4'"  . DG A 1 2 ? 1.112  10.010  -1.756  1.00 0.00 ? 2  DG A "H4'"  1 
ATOM 54  H "H3'"  . DG A 1 2 ? 1.896  8.839   -4.323  1.00 0.00 ? 2  DG A "H3'"  1 
ATOM 55  H "H2'"  . DG A 1 2 ? 0.163  7.092   -3.738  1.00 0.00 ? 2  DG A "H2'"  1 
ATOM 56  H "H2''" . DG A 1 2 ? 1.674  6.273   -3.241  1.00 0.00 ? 2  DG A "H2''" 1 
ATOM 57  H "H1'"  . DG A 1 2 ? 1.258  7.060   -1.072  1.00 0.00 ? 2  DG A "H1'"  1 
ATOM 58  H H8     . DG A 1 2 ? -1.855 6.396   -3.146  1.00 0.00 ? 2  DG A H8     1 
ATOM 59  H H1     . DG A 1 2 ? -1.880 3.587   2.633   1.00 0.00 ? 2  DG A H1     1 
ATOM 60  H H21    . DG A 1 2 ? 0.163  4.009   3.636   1.00 0.00 ? 2  DG A H21    1 
ATOM 61  H H22    . DG A 1 2 ? 1.333  5.031   2.839   1.00 0.00 ? 2  DG A H22    1 
ATOM 62  P P      . DA A 1 3 ? 4.298  8.144   -3.037  1.00 0.00 ? 3  DA A P      1 
ATOM 63  O OP1    . DA A 1 3 ? 5.129  9.356   -3.192  1.00 0.00 ? 3  DA A OP1    1 
ATOM 64  O OP2    . DA A 1 3 ? 4.184  7.356   -4.283  1.00 0.00 ? 3  DA A OP2    1 
ATOM 65  O "O5'"  . DA A 1 3 ? 4.896  7.216   -1.881  1.00 0.00 ? 3  DA A "O5'"  1 
ATOM 66  C "C5'"  . DA A 1 3 ? 5.227  7.767   -0.620  1.00 0.00 ? 3  DA A "C5'"  1 
ATOM 67  C "C4'"  . DA A 1 3 ? 5.418  6.659   0.419   1.00 0.00 ? 3  DA A "C4'"  1 
ATOM 68  O "O4'"  . DA A 1 3 ? 4.198  6.029   0.768   1.00 0.00 ? 3  DA A "O4'"  1 
ATOM 69  C "C3'"  . DA A 1 3 ? 6.445  5.590   0.083   1.00 0.00 ? 3  DA A "C3'"  1 
ATOM 70  O "O3'"  . DA A 1 3 ? 7.335  5.432   1.173   1.00 0.00 ? 3  DA A "O3'"  1 
ATOM 71  C "C2'"  . DA A 1 3 ? 5.560  4.436   -0.224  1.00 0.00 ? 3  DA A "C2'"  1 
ATOM 72  C "C1'"  . DA A 1 3 ? 4.355  4.633   0.636   1.00 0.00 ? 3  DA A "C1'"  1 
ATOM 73  N N9     . DA A 1 3 ? 3.186  4.079   -0.041  1.00 0.00 ? 3  DA A N9     1 
ATOM 74  C C8     . DA A 1 3 ? 2.798  4.422   -1.291  1.00 0.00 ? 3  DA A C8     1 
ATOM 75  N N7     . DA A 1 3 ? 1.670  3.892   -1.680  1.00 0.00 ? 3  DA A N7     1 
ATOM 76  C C5     . DA A 1 3 ? 1.317  3.107   -0.581  1.00 0.00 ? 3  DA A C5     1 
ATOM 77  C C6     . DA A 1 3 ? 0.208  2.294   -0.299  1.00 0.00 ? 3  DA A C6     1 
ATOM 78  N N6     . DA A 1 3 ? -0.842 2.245   -1.115  1.00 0.00 ? 3  DA A N6     1 
ATOM 79  N N1     . DA A 1 3 ? 0.188  1.592   0.846   1.00 0.00 ? 3  DA A N1     1 
ATOM 80  C C2     . DA A 1 3 ? 1.217  1.705   1.687   1.00 0.00 ? 3  DA A C2     1 
ATOM 81  N N3     . DA A 1 3 ? 2.289  2.475   1.564   1.00 0.00 ? 3  DA A N3     1 
ATOM 82  C C4     . DA A 1 3 ? 2.265  3.172   0.404   1.00 0.00 ? 3  DA A C4     1 
ATOM 83  H "H5'"  . DA A 1 3 ? 4.431  8.425   -0.271  1.00 0.00 ? 3  DA A "H5'"  1 
ATOM 84  H "H5''" . DA A 1 3 ? 6.149  8.343   -0.711  1.00 0.00 ? 3  DA A "H5''" 1 
ATOM 85  H "H4'"  . DA A 1 3 ? 5.740  7.043   1.370   1.00 0.00 ? 3  DA A "H4'"  1 
ATOM 86  H "H3'"  . DA A 1 3 ? 6.946  5.789   -0.854  1.00 0.00 ? 3  DA A "H3'"  1 
ATOM 87  H "H2'"  . DA A 1 3 ? 5.298  4.386   -1.241  1.00 0.00 ? 3  DA A "H2'"  1 
ATOM 88  H "H2''" . DA A 1 3 ? 6.079  3.563   0.010   1.00 0.00 ? 3  DA A "H2''" 1 
ATOM 89  H "H1'"  . DA A 1 3 ? 4.630  4.133   1.527   1.00 0.00 ? 3  DA A "H1'"  1 
ATOM 90  H H8     . DA A 1 3 ? 3.485  5.069   -1.819  1.00 0.00 ? 3  DA A H8     1 
ATOM 91  H H61    . DA A 1 3 ? -1.679 1.727   -0.878  1.00 0.00 ? 3  DA A H61    1 
ATOM 92  H H62    . DA A 1 3 ? -0.811 2.802   -1.956  1.00 0.00 ? 3  DA A H62    1 
ATOM 93  H H2     . DA A 1 3 ? 1.231  1.084   2.569   1.00 0.00 ? 3  DA A H2     1 
ATOM 94  P P      . DT A 1 4 ? 8.653  4.538   1.077   1.00 0.00 ? 4  DT A P      1 
ATOM 95  O OP1    . DT A 1 4 ? 9.605  4.927   2.139   1.00 0.00 ? 4  DT A OP1    1 
ATOM 96  O OP2    . DT A 1 4 ? 9.235  4.628   -0.280  1.00 0.00 ? 4  DT A OP2    1 
ATOM 97  O "O5'"  . DT A 1 4 ? 8.115  3.064   1.352   1.00 0.00 ? 4  DT A "O5'"  1 
ATOM 98  C "C5'"  . DT A 1 4 ? 7.541  2.744   2.604   1.00 0.00 ? 4  DT A "C5'"  1 
ATOM 99  C "C4'"  . DT A 1 4 ? 6.721  1.465   2.478   1.00 0.00 ? 4  DT A "C4'"  1 
ATOM 100 O "O4'"  . DT A 1 4 ? 5.374  1.556   2.070   1.00 0.00 ? 4  DT A "O4'"  1 
ATOM 101 C "C3'"  . DT A 1 4 ? 7.408  0.179   2.113   1.00 0.00 ? 4  DT A "C3'"  1 
ATOM 102 O "O3'"  . DT A 1 4 ? 7.558  -0.758  3.174   1.00 0.00 ? 4  DT A "O3'"  1 
ATOM 103 C "C2'"  . DT A 1 4 ? 6.446  -0.244  1.069   1.00 0.00 ? 4  DT A "C2'"  1 
ATOM 104 C "C1'"  . DT A 1 4 ? 5.092  0.305   1.496   1.00 0.00 ? 4  DT A "C1'"  1 
ATOM 105 N N1     . DT A 1 4 ? 4.222  0.372   0.324   1.00 0.00 ? 4  DT A N1     1 
ATOM 106 C C2     . DT A 1 4 ? 3.080  -0.413  0.244   1.00 0.00 ? 4  DT A C2     1 
ATOM 107 O O2     . DT A 1 4 ? 2.727  -1.197  1.120   1.00 0.00 ? 4  DT A O2     1 
ATOM 108 N N3     . DT A 1 4 ? 2.344  -0.271  -0.912  1.00 0.00 ? 4  DT A N3     1 
ATOM 109 C C4     . DT A 1 4 ? 2.689  0.506   -1.998  1.00 0.00 ? 4  DT A C4     1 
ATOM 110 O O4     . DT A 1 4 ? 1.894  0.634   -2.923  1.00 0.00 ? 4  DT A O4     1 
ATOM 111 C C5     . DT A 1 4 ? 3.997  1.140   -1.896  1.00 0.00 ? 4  DT A C5     1 
ATOM 112 C C7     . DT A 1 4 ? 4.578  1.868   -3.086  1.00 0.00 ? 4  DT A C7     1 
ATOM 113 C C6     . DT A 1 4 ? 4.698  1.062   -0.739  1.00 0.00 ? 4  DT A C6     1 
ATOM 114 H "H5'"  . DT A 1 4 ? 6.878  3.540   2.949   1.00 0.00 ? 4  DT A "H5'"  1 
ATOM 115 H "H5''" . DT A 1 4 ? 8.336  2.601   3.337   1.00 0.00 ? 4  DT A "H5''" 1 
ATOM 116 H "H4'"  . DT A 1 4 ? 6.452  1.058   3.417   1.00 0.00 ? 4  DT A "H4'"  1 
ATOM 117 H "H3'"  . DT A 1 4 ? 8.316  0.473   1.617   1.00 0.00 ? 4  DT A "H3'"  1 
ATOM 118 H "H2'"  . DT A 1 4 ? 6.889  -0.038  0.104   1.00 0.00 ? 4  DT A "H2'"  1 
ATOM 119 H "H2''" . DT A 1 4 ? 6.307  -1.253  1.148   1.00 0.00 ? 4  DT A "H2''" 1 
ATOM 120 H "H1'"  . DT A 1 4 ? 4.674  -0.309  2.300   1.00 0.00 ? 4  DT A "H1'"  1 
ATOM 121 H H3     . DT A 1 4 ? 1.467  -0.788  -0.930  1.00 0.00 ? 4  DT A H3     1 
ATOM 122 H H71    . DT A 1 4 ? 4.714  1.161   -3.905  1.00 0.00 ? 4  DT A H71    1 
ATOM 123 H H72    . DT A 1 4 ? 3.876  2.639   -3.408  1.00 0.00 ? 4  DT A H72    1 
ATOM 124 H H73    . DT A 1 4 ? 5.535  2.332   -2.846  1.00 0.00 ? 4  DT A H73    1 
ATOM 125 H H6     . DT A 1 4 ? 5.684  1.477   -0.546  1.00 0.00 ? 4  DT A H6     1 
ATOM 126 P P      . DC A 1 5 ? 8.572  -1.991  3.101   1.00 0.00 ? 5  DC A P      1 
ATOM 127 O OP1    . DC A 1 5 ? 9.309  -2.113  4.378   1.00 0.00 ? 5  DC A OP1    1 
ATOM 128 O OP2    . DC A 1 5 ? 9.468  -1.846  1.934   1.00 0.00 ? 5  DC A OP2    1 
ATOM 129 O "O5'"  . DC A 1 5 ? 7.639  -3.278  2.905   1.00 0.00 ? 5  DC A "O5'"  1 
ATOM 130 C "C5'"  . DC A 1 5 ? 6.774  -3.704  3.943   1.00 0.00 ? 5  DC A "C5'"  1 
ATOM 131 C "C4'"  . DC A 1 5 ? 5.738  -4.696  3.407   1.00 0.00 ? 5  DC A "C4'"  1 
ATOM 132 O "O4'"  . DC A 1 5 ? 4.654  -4.165  2.683   1.00 0.00 ? 5  DC A "O4'"  1 
ATOM 133 C "C3'"  . DC A 1 5 ? 6.185  -6.042  2.918   1.00 0.00 ? 5  DC A "C3'"  1 
ATOM 134 O "O3'"  . DC A 1 5 ? 5.670  -7.155  3.629   1.00 0.00 ? 5  DC A "O3'"  1 
ATOM 135 C "C2'"  . DC A 1 5 ? 5.641  -5.957  1.539   1.00 0.00 ? 5  DC A "C2'"  1 
ATOM 136 C "C1'"  . DC A 1 5 ? 4.412  -5.050  1.615   1.00 0.00 ? 5  DC A "C1'"  1 
ATOM 137 N N1     . DC A 1 5 ? 4.337  -4.273  0.370   1.00 0.00 ? 5  DC A N1     1 
ATOM 138 C C2     . DC A 1 5 ? 3.256  -4.300  -0.495  1.00 0.00 ? 5  DC A C2     1 
ATOM 139 O O2     . DC A 1 5 ? 2.268  -4.993  -0.265  1.00 0.00 ? 5  DC A O2     1 
ATOM 140 N N3     . DC A 1 5 ? 3.323  -3.556  -1.642  1.00 0.00 ? 5  DC A N3     1 
ATOM 141 C C4     . DC A 1 5 ? 4.428  -2.843  -1.915  1.00 0.00 ? 5  DC A C4     1 
ATOM 142 N N4     . DC A 1 5 ? 4.453  -2.097  -3.013  1.00 0.00 ? 5  DC A N4     1 
ATOM 143 C C5     . DC A 1 5 ? 5.572  -2.852  -1.056  1.00 0.00 ? 5  DC A C5     1 
ATOM 144 C C6     . DC A 1 5 ? 5.457  -3.590  0.069   1.00 0.00 ? 5  DC A C6     1 
ATOM 145 H "H5'"  . DC A 1 5 ? 6.238  -2.851  4.363   1.00 0.00 ? 5  DC A "H5'"  1 
ATOM 146 H "H5''" . DC A 1 5 ? 7.361  -4.176  4.733   1.00 0.00 ? 5  DC A "H5''" 1 
ATOM 147 H "H4'"  . DC A 1 5 ? 5.145  -5.154  4.147   1.00 0.00 ? 5  DC A "H4'"  1 
ATOM 148 H "H3'"  . DC A 1 5 ? 7.265  -5.977  2.913   1.00 0.00 ? 5  DC A "H3'"  1 
ATOM 149 H "H2'"  . DC A 1 5 ? 6.473  -5.751  0.878   1.00 0.00 ? 5  DC A "H2'"  1 
ATOM 150 H "H2''" . DC A 1 5 ? 5.189  -6.873  1.316   1.00 0.00 ? 5  DC A "H2''" 1 
ATOM 151 H "H1'"  . DC A 1 5 ? 3.550  -5.650  1.875   1.00 0.00 ? 5  DC A "H1'"  1 
ATOM 152 H H41    . DC A 1 5 ? 3.647  -2.084  -3.625  1.00 0.00 ? 5  DC A H41    1 
ATOM 153 H H42    . DC A 1 5 ? 5.272  -1.560  -3.240  1.00 0.00 ? 5  DC A H42    1 
ATOM 154 H H5     . DC A 1 5 ? 6.495  -2.333  -1.263  1.00 0.00 ? 5  DC A H5     1 
ATOM 155 H H6     . DC A 1 5 ? 6.213  -3.780  0.821   1.00 0.00 ? 5  DC A H6     1 
ATOM 156 P P      . DG A 1 6 ? 6.269  -8.623  3.473   1.00 0.00 ? 6  DG A P      1 
ATOM 157 O OP1    . DG A 1 6 ? 6.363  -9.278  4.795   1.00 0.00 ? 6  DG A OP1    1 
ATOM 158 O OP2    . DG A 1 6 ? 7.556  -8.596  2.745   1.00 0.00 ? 6  DG A OP2    1 
ATOM 159 O "O5'"  . DG A 1 6 ? 5.148  -9.357  2.591   1.00 0.00 ? 6  DG A "O5'"  1 
ATOM 160 C "C5'"  . DG A 1 6 ? 3.814  -9.390  3.063   1.00 0.00 ? 6  DG A "C5'"  1 
ATOM 161 C "C4'"  . DG A 1 6 ? 2.757  -9.516  1.962   1.00 0.00 ? 6  DG A "C4'"  1 
ATOM 162 O "O4'"  . DG A 1 6 ? 2.508  -8.454  1.073   1.00 0.00 ? 6  DG A "O4'"  1 
ATOM 163 C "C3'"  . DG A 1 6 ? 2.696  -10.828 1.209   1.00 0.00 ? 6  DG A "C3'"  1 
ATOM 164 O "O3'"  . DG A 1 6 ? 1.481  -11.529 1.380   1.00 0.00 ? 6  DG A "O3'"  1 
ATOM 165 C "C2'"  . DG A 1 6 ? 2.948  -10.414 -0.222  1.00 0.00 ? 6  DG A "C2'"  1 
ATOM 166 C "C1'"  . DG A 1 6 ? 2.414  -8.986  -0.239  1.00 0.00 ? 6  DG A "C1'"  1 
ATOM 167 N N9     . DG A 1 6 ? 3.320  -8.195  -1.073  1.00 0.00 ? 6  DG A N9     1 
ATOM 168 C C8     . DG A 1 6 ? 4.659  -8.064  -0.875  1.00 0.00 ? 6  DG A C8     1 
ATOM 169 N N7     . DG A 1 6 ? 5.232  -7.223  -1.695  1.00 0.00 ? 6  DG A N7     1 
ATOM 170 C C5     . DG A 1 6 ? 4.190  -6.824  -2.539  1.00 0.00 ? 6  DG A C5     1 
ATOM 171 C C6     . DG A 1 6 ? 4.176  -5.946  -3.668  1.00 0.00 ? 6  DG A C6     1 
ATOM 172 O O6     . DG A 1 6 ? 5.084  -5.233  -4.091  1.00 0.00 ? 6  DG A O6     1 
ATOM 173 N N1     . DG A 1 6 ? 2.959  -5.946  -4.336  1.00 0.00 ? 6  DG A N1     1 
ATOM 174 C C2     . DG A 1 6 ? 1.862  -6.673  -3.941  1.00 0.00 ? 6  DG A C2     1 
ATOM 175 N N2     . DG A 1 6 ? 0.764  -6.616  -4.685  1.00 0.00 ? 6  DG A N2     1 
ATOM 176 N N3     . DG A 1 6 ? 1.839  -7.445  -2.852  1.00 0.00 ? 6  DG A N3     1 
ATOM 177 C C4     . DG A 1 6 ? 3.029  -7.476  -2.201  1.00 0.00 ? 6  DG A C4     1 
ATOM 178 H "H5'"  . DG A 1 6 ? 3.573  -8.473  3.603   1.00 0.00 ? 6  DG A "H5'"  1 
ATOM 179 H "H5''" . DG A 1 6 ? 3.712  -10.222 3.761   1.00 0.00 ? 6  DG A "H5''" 1 
ATOM 180 H "H4'"  . DG A 1 6 ? 1.800  -9.484  2.471   1.00 0.00 ? 6  DG A "H4'"  1 
ATOM 181 H "H3'"  . DG A 1 6 ? 3.579  -11.383 1.523   1.00 0.00 ? 6  DG A "H3'"  1 
ATOM 182 H "H2'"  . DG A 1 6 ? 3.964  -10.528 -0.613  1.00 0.00 ? 6  DG A "H2'"  1 
ATOM 183 H "H2''" . DG A 1 6 ? 2.268  -11.008 -0.815  1.00 0.00 ? 6  DG A "H2''" 1 
ATOM 184 H "H1'"  . DG A 1 6 ? 1.379  -8.978  -0.559  1.00 0.00 ? 6  DG A "H1'"  1 
ATOM 185 H H8     . DG A 1 6 ? 5.117  -8.646  -0.070  1.00 0.00 ? 6  DG A H8     1 
ATOM 186 H H1     . DG A 1 6 ? 2.887  -5.347  -5.158  1.00 0.00 ? 6  DG A H1     1 
ATOM 187 H H21    . DG A 1 6 ? 0.733  -6.078  -5.542  1.00 0.00 ? 6  DG A H21    1 
ATOM 188 H H22    . DG A 1 6 ? -0.055 -7.111  -4.370  1.00 0.00 ? 6  DG A H22    1 
ATOM 189 O "O5'"  . DC B 1 1 ? 1.364  -2.243  -13.070 1.00 0.00 ? 7  DC B "O5'"  1 
ATOM 190 C "C5'"  . DC B 1 1 ? 0.497  -1.617  -12.149 1.00 0.00 ? 7  DC B "C5'"  1 
ATOM 191 C "C4'"  . DC B 1 1 ? -0.268 -2.670  -11.342 1.00 0.00 ? 7  DC B "C4'"  1 
ATOM 192 O "O4'"  . DC B 1 1 ? 0.583  -3.564  -10.672 1.00 0.00 ? 7  DC B "O4'"  1 
ATOM 193 C "C3'"  . DC B 1 1 ? -1.302 -2.109  -10.372 1.00 0.00 ? 7  DC B "C3'"  1 
ATOM 194 O "O3'"  . DC B 1 1 ? -2.536 -2.803  -10.471 1.00 0.00 ? 7  DC B "O3'"  1 
ATOM 195 C "C2'"  . DC B 1 1 ? -0.628 -2.342  -9.022  1.00 0.00 ? 7  DC B "C2'"  1 
ATOM 196 C "C1'"  . DC B 1 1 ? 0.217  -3.573  -9.317  1.00 0.00 ? 7  DC B "C1'"  1 
ATOM 197 N N1     . DC B 1 1 ? 1.437  -3.511  -8.484  1.00 0.00 ? 7  DC B N1     1 
ATOM 198 C C2     . DC B 1 1 ? 1.584  -4.365  -7.400  1.00 0.00 ? 7  DC B C2     1 
ATOM 199 O O2     . DC B 1 1 ? 0.739  -5.219  -7.148  1.00 0.00 ? 7  DC B O2     1 
ATOM 200 N N3     . DC B 1 1 ? 2.684  -4.242  -6.602  1.00 0.00 ? 7  DC B N3     1 
ATOM 201 C C4     . DC B 1 1 ? 3.579  -3.275  -6.846  1.00 0.00 ? 7  DC B C4     1 
ATOM 202 N N4     . DC B 1 1 ? 4.657  -3.204  -6.069  1.00 0.00 ? 7  DC B N4     1 
ATOM 203 C C5     . DC B 1 1 ? 3.421  -2.346  -7.926  1.00 0.00 ? 7  DC B C5     1 
ATOM 204 C C6     . DC B 1 1 ? 2.333  -2.506  -8.715  1.00 0.00 ? 7  DC B C6     1 
ATOM 205 H "H5'"  . DC B 1 1 ? -0.210 -1.000  -12.706 1.00 0.00 ? 7  DC B "H5'"  1 
ATOM 206 H "H5''" . DC B 1 1 ? 1.077  -0.978  -11.482 1.00 0.00 ? 7  DC B "H5''" 1 
ATOM 207 H "H4'"  . DC B 1 1 ? -0.840 -3.327  -11.975 1.00 0.00 ? 7  DC B "H4'"  1 
ATOM 208 H "H3'"  . DC B 1 1 ? -1.376 -1.050  -10.628 1.00 0.00 ? 7  DC B "H3'"  1 
ATOM 209 H "H2'"  . DC B 1 1 ? -0.016 -1.486  -8.698  1.00 0.00 ? 7  DC B "H2'"  1 
ATOM 210 H "H2''" . DC B 1 1 ? -1.320 -2.653  -8.232  1.00 0.00 ? 7  DC B "H2''" 1 
ATOM 211 H "H1'"  . DC B 1 1 ? -0.418 -4.457  -9.259  1.00 0.00 ? 7  DC B "H1'"  1 
ATOM 212 H H41    . DC B 1 1 ? 4.778  -3.875  -5.320  1.00 0.00 ? 7  DC B H41    1 
ATOM 213 H H42    . DC B 1 1 ? 5.348  -2.492  -6.228  1.00 0.00 ? 7  DC B H42    1 
ATOM 214 H H5     . DC B 1 1 ? 4.108  -1.536  -8.125  1.00 0.00 ? 7  DC B H5     1 
ATOM 215 H H6     . DC B 1 1 ? 2.101  -1.818  -9.526  1.00 0.00 ? 7  DC B H6     1 
ATOM 216 H "HO5'" . DC B 1 1 ? 0.840  -2.795  -13.655 1.00 0.00 ? 7  DC B "HO5'" 1 
ATOM 217 P P      . DG B 1 2 ? -3.949 -2.107  -10.142 1.00 0.00 ? 8  DG B P      1 
ATOM 218 O OP1    . DG B 1 2 ? -4.942 -2.507  -11.163 1.00 0.00 ? 8  DG B OP1    1 
ATOM 219 O OP2    . DG B 1 2 ? -3.778 -0.640  -10.074 1.00 0.00 ? 8  DG B OP2    1 
ATOM 220 O "O5'"  . DG B 1 2 ? -4.445 -2.636  -8.716  1.00 0.00 ? 8  DG B "O5'"  1 
ATOM 221 C "C5'"  . DG B 1 2 ? -4.971 -3.945  -8.568  1.00 0.00 ? 8  DG B "C5'"  1 
ATOM 222 C "C4'"  . DG B 1 2 ? -4.927 -4.378  -7.100  1.00 0.00 ? 8  DG B "C4'"  1 
ATOM 223 O "O4'"  . DG B 1 2 ? -3.600 -4.208  -6.637  1.00 0.00 ? 8  DG B "O4'"  1 
ATOM 224 C "C3'"  . DG B 1 2 ? -5.888 -3.612  -6.153  1.00 0.00 ? 8  DG B "C3'"  1 
ATOM 225 O "O3'"  . DG B 1 2 ? -6.264 -4.548  -5.162  1.00 0.00 ? 8  DG B "O3'"  1 
ATOM 226 C "C2'"  . DG B 1 2 ? -4.886 -2.643  -5.528  1.00 0.00 ? 8  DG B "C2'"  1 
ATOM 227 C "C1'"  . DG B 1 2 ? -3.632 -3.480  -5.435  1.00 0.00 ? 8  DG B "C1'"  1 
ATOM 228 N N9     . DG B 1 2 ? -2.370 -2.742  -5.284  1.00 0.00 ? 8  DG B N9     1 
ATOM 229 C C8     . DG B 1 2 ? -1.934 -1.689  -6.029  1.00 0.00 ? 8  DG B C8     1 
ATOM 230 N N7     . DG B 1 2 ? -0.682 -1.376  -5.841  1.00 0.00 ? 8  DG B N7     1 
ATOM 231 C C5     . DG B 1 2 ? -0.262 -2.287  -4.874  1.00 0.00 ? 8  DG B C5     1 
ATOM 232 C C6     . DG B 1 2 ? 1.010  -2.463  -4.254  1.00 0.00 ? 8  DG B C6     1 
ATOM 233 O O6     . DG B 1 2 ? 2.060  -1.877  -4.503  1.00 0.00 ? 8  DG B O6     1 
ATOM 234 N N1     . DG B 1 2 ? 0.993  -3.430  -3.260  1.00 0.00 ? 8  DG B N1     1 
ATOM 235 C C2     . DG B 1 2 ? -0.097 -4.208  -2.959  1.00 0.00 ? 8  DG B C2     1 
ATOM 236 N N2     . DG B 1 2 ? -0.006 -5.067  -1.952  1.00 0.00 ? 8  DG B N2     1 
ATOM 237 N N3     . DG B 1 2 ? -1.273 -4.103  -3.580  1.00 0.00 ? 8  DG B N3     1 
ATOM 238 C C4     . DG B 1 2 ? -1.296 -3.117  -4.515  1.00 0.00 ? 8  DG B C4     1 
ATOM 239 H "H5'"  . DG B 1 2 ? -4.357 -4.645  -9.137  1.00 0.00 ? 8  DG B "H5'"  1 
ATOM 240 H "H5''" . DG B 1 2 ? -5.994 -3.987  -8.945  1.00 0.00 ? 8  DG B "H5''" 1 
ATOM 241 H "H4'"  . DG B 1 2 ? -5.026 -5.456  -7.008  1.00 0.00 ? 8  DG B "H4'"  1 
ATOM 242 H "H3'"  . DG B 1 2 ? -6.795 -3.151  -6.637  1.00 0.00 ? 8  DG B "H3'"  1 
ATOM 243 H "H2'"  . DG B 1 2 ? -4.628 -1.905  -6.247  1.00 0.00 ? 8  DG B "H2'"  1 
ATOM 244 H "H2''" . DG B 1 2 ? -5.167 -2.213  -4.570  1.00 0.00 ? 8  DG B "H2''" 1 
ATOM 245 H "H1'"  . DG B 1 2 ? -3.789 -4.108  -4.589  1.00 0.00 ? 8  DG B "H1'"  1 
ATOM 246 H H8     . DG B 1 2 ? -2.581 -1.240  -6.766  1.00 0.00 ? 8  DG B H8     1 
ATOM 247 H H1     . DG B 1 2 ? 1.847  -3.528  -2.711  1.00 0.00 ? 8  DG B H1     1 
ATOM 248 H H21    . DG B 1 2 ? 0.839  -5.146  -1.399  1.00 0.00 ? 8  DG B H21    1 
ATOM 249 H H22    . DG B 1 2 ? -0.820 -5.601  -1.695  1.00 0.00 ? 8  DG B H22    1 
ATOM 250 P P      . DA B 1 3 ? -7.539 -4.372  -4.217  1.00 0.00 ? 9  DA B P      1 
ATOM 251 O OP1    . DA B 1 3 ? -8.620 -5.297  -4.623  1.00 0.00 ? 9  DA B OP1    1 
ATOM 252 O OP2    . DA B 1 3 ? -7.969 -2.958  -4.184  1.00 0.00 ? 9  DA B OP2    1 
ATOM 253 O "O5'"  . DA B 1 3 ? -6.978 -4.788  -2.779  1.00 0.00 ? 9  DA B "O5'"  1 
ATOM 254 C "C5'"  . DA B 1 3 ? -6.626 -6.130  -2.506  1.00 0.00 ? 9  DA B "C5'"  1 
ATOM 255 C "C4'"  . DA B 1 3 ? -5.783 -6.218  -1.232  1.00 0.00 ? 9  DA B "C4'"  1 
ATOM 256 O "O4'"  . DA B 1 3 ? -4.485 -5.680  -1.404  1.00 0.00 ? 9  DA B "O4'"  1 
ATOM 257 C "C3'"  . DA B 1 3 ? -6.399 -5.627  0.024   1.00 0.00 ? 9  DA B "C3'"  1 
ATOM 258 O "O3'"  . DA B 1 3 ? -6.331 -6.575  1.074   1.00 0.00 ? 9  DA B "O3'"  1 
ATOM 259 C "C2'"  . DA B 1 3 ? -5.579 -4.398  0.189   1.00 0.00 ? 9  DA B "C2'"  1 
ATOM 260 C "C1'"  . DA B 1 3 ? -4.239 -4.749  -0.373  1.00 0.00 ? 9  DA B "C1'"  1 
ATOM 261 N N9     . DA B 1 3 ? -3.627 -3.552  -0.941  1.00 0.00 ? 9  DA B N9     1 
ATOM 262 C C8     . DA B 1 3 ? -4.215 -2.765  -1.872  1.00 0.00 ? 9  DA B C8     1 
ATOM 263 N N7     . DA B 1 3 ? -3.464 -1.799  -2.326  1.00 0.00 ? 9  DA B N7     1 
ATOM 264 C C5     . DA B 1 3 ? -2.290 -1.963  -1.589  1.00 0.00 ? 9  DA B C5     1 
ATOM 265 C C6     . DA B 1 3 ? -1.055 -1.298  -1.590  1.00 0.00 ? 9  DA B C6     1 
ATOM 266 N N6     . DA B 1 3 ? -0.773 -0.359  -2.491  1.00 0.00 ? 9  DA B N6     1 
ATOM 267 N N1     . DA B 1 3 ? -0.120 -1.653  -0.692  1.00 0.00 ? 9  DA B N1     1 
ATOM 268 C C2     . DA B 1 3 ? -0.392 -2.642  0.160   1.00 0.00 ? 9  DA B C2     1 
ATOM 269 N N3     . DA B 1 3 ? -1.490 -3.383  0.226   1.00 0.00 ? 9  DA B N3     1 
ATOM 270 C C4     . DA B 1 3 ? -2.400 -3.000  -0.701  1.00 0.00 ? 9  DA B C4     1 
ATOM 271 H "H5'"  . DA B 1 3 ? -6.041 -6.545  -3.330  1.00 0.00 ? 9  DA B "H5'"  1 
ATOM 272 H "H5''" . DA B 1 3 ? -7.533 -6.722  -2.385  1.00 0.00 ? 9  DA B "H5''" 1 
ATOM 273 H "H4'"  . DA B 1 3 ? -5.559 -7.235  -0.961  1.00 0.00 ? 9  DA B "H4'"  1 
ATOM 274 H "H3'"  . DA B 1 3 ? -7.396 -5.250  -0.150  1.00 0.00 ? 9  DA B "H3'"  1 
ATOM 275 H "H2'"  . DA B 1 3 ? -5.991 -3.566  -0.306  1.00 0.00 ? 9  DA B "H2'"  1 
ATOM 276 H "H2''" . DA B 1 3 ? -5.538 -4.172  1.205   1.00 0.00 ? 9  DA B "H2''" 1 
ATOM 277 H "H1'"  . DA B 1 3 ? -3.739 -5.146  0.470   1.00 0.00 ? 9  DA B "H1'"  1 
ATOM 278 H H8     . DA B 1 3 ? -5.239 -3.021  -2.101  1.00 0.00 ? 9  DA B H8     1 
ATOM 279 H H61    . DA B 1 3 ? 0.144  0.067   -2.551  1.00 0.00 ? 9  DA B H61    1 
ATOM 280 H H62    . DA B 1 3 ? -1.485 -0.129  -3.169  1.00 0.00 ? 9  DA B H62    1 
ATOM 281 H H2     . DA B 1 3 ? 0.331  -2.873  0.926   1.00 0.00 ? 9  DA B H2     1 
ATOM 282 P P      . DT B 1 4 ? -7.068 -6.355  2.473   1.00 0.00 ? 10 DT B P      1 
ATOM 283 O OP1    . DT B 1 4 ? -7.235 -7.651  3.165   1.00 0.00 ? 10 DT B OP1    1 
ATOM 284 O OP2    . DT B 1 4 ? -8.346 -5.639  2.272   1.00 0.00 ? 10 DT B OP2    1 
ATOM 285 O "O5'"  . DT B 1 4 ? -6.043 -5.443  3.284   1.00 0.00 ? 10 DT B "O5'"  1 
ATOM 286 C "C5'"  . DT B 1 4 ? -4.763 -5.941  3.614   1.00 0.00 ? 10 DT B "C5'"  1 
ATOM 287 C "C4'"  . DT B 1 4 ? -3.839 -4.780  3.970   1.00 0.00 ? 10 DT B "C4'"  1 
ATOM 288 O "O4'"  . DT B 1 4 ? -3.138 -4.125  2.937   1.00 0.00 ? 10 DT B "O4'"  1 
ATOM 289 C "C3'"  . DT B 1 4 ? -4.156 -3.922  5.163   1.00 0.00 ? 10 DT B "C3'"  1 
ATOM 290 O "O3'"  . DT B 1 4 ? -3.323 -4.121  6.300   1.00 0.00 ? 10 DT B "O3'"  1 
ATOM 291 C "C2'"  . DT B 1 4 ? -3.959 -2.614  4.496   1.00 0.00 ? 10 DT B "C2'"  1 
ATOM 292 C "C1'"  . DT B 1 4 ? -2.888 -2.839  3.438   1.00 0.00 ? 10 DT B "C1'"  1 
ATOM 293 N N1     . DT B 1 4 ? -2.989 -1.780  2.434   1.00 0.00 ? 10 DT B N1     1 
ATOM 294 C C2     . DT B 1 4 ? -1.960 -0.865  2.263   1.00 0.00 ? 10 DT B C2     1 
ATOM 295 O O2     . DT B 1 4 ? -0.924 -0.872  2.918   1.00 0.00 ? 10 DT B O2     1 
ATOM 296 N N3     . DT B 1 4 ? -2.174 0.091   1.295   1.00 0.00 ? 10 DT B N3     1 
ATOM 297 C C4     . DT B 1 4 ? -3.333 0.255   0.563   1.00 0.00 ? 10 DT B C4     1 
ATOM 298 O O4     . DT B 1 4 ? -3.358 1.076   -0.347  1.00 0.00 ? 10 DT B O4     1 
ATOM 299 C C5     . DT B 1 4 ? -4.421 -0.632  0.951   1.00 0.00 ? 10 DT B C5     1 
ATOM 300 C C7     . DT B 1 4 ? -5.798 -0.439  0.360   1.00 0.00 ? 10 DT B C7     1 
ATOM 301 C C6     . DT B 1 4 ? -4.201 -1.619  1.853   1.00 0.00 ? 10 DT B C6     1 
ATOM 302 H "H5'"  . DT B 1 4 ? -4.320 -6.480  2.775   1.00 0.00 ? 10 DT B "H5'"  1 
ATOM 303 H "H5''" . DT B 1 4 ? -4.849 -6.617  4.466   1.00 0.00 ? 10 DT B "H5''" 1 
ATOM 304 H "H4'"  . DT B 1 4 ? -2.944 -5.099  4.434   1.00 0.00 ? 10 DT B "H4'"  1 
ATOM 305 H "H3'"  . DT B 1 4 ? -5.212 -4.046  5.329   1.00 0.00 ? 10 DT B "H3'"  1 
ATOM 306 H "H2'"  . DT B 1 4 ? -4.934 -2.204  4.270   1.00 0.00 ? 10 DT B "H2'"  1 
ATOM 307 H "H2''" . DT B 1 4 ? -3.491 -1.984  5.150   1.00 0.00 ? 10 DT B "H2''" 1 
ATOM 308 H "H1'"  . DT B 1 4 ? -1.900 -2.882  3.908   1.00 0.00 ? 10 DT B "H1'"  1 
ATOM 309 H H3     . DT B 1 4 ? -1.384 0.709   1.117   1.00 0.00 ? 10 DT B H3     1 
ATOM 310 H H71    . DT B 1 4 ? -6.174 0.545   0.644   1.00 0.00 ? 10 DT B H71    1 
ATOM 311 H H72    . DT B 1 4 ? -5.727 -0.481  -0.728  1.00 0.00 ? 10 DT B H72    1 
ATOM 312 H H73    . DT B 1 4 ? -6.495 -1.205  0.704   1.00 0.00 ? 10 DT B H73    1 
ATOM 313 H H6     . DT B 1 4 ? -4.932 -2.329  2.232   1.00 0.00 ? 10 DT B H6     1 
ATOM 314 P P      . DC B 1 5 ? -3.715 -3.605  7.760   1.00 0.00 ? 11 DC B P      1 
ATOM 315 O OP1    . DC B 1 5 ? -3.435 -4.660  8.759   1.00 0.00 ? 11 DC B OP1    1 
ATOM 316 O OP2    . DC B 1 5 ? -5.125 -3.158  7.780   1.00 0.00 ? 11 DC B OP2    1 
ATOM 317 O "O5'"  . DC B 1 5 ? -2.751 -2.354  8.026   1.00 0.00 ? 11 DC B "O5'"  1 
ATOM 318 C "C5'"  . DC B 1 5 ? -1.356 -2.542  8.177   1.00 0.00 ? 11 DC B "C5'"  1 
ATOM 319 C "C4'"  . DC B 1 5 ? -0.616 -1.207  8.050   1.00 0.00 ? 11 DC B "C4'"  1 
ATOM 320 O "O4'"  . DC B 1 5 ? -0.437 -0.693  6.752   1.00 0.00 ? 11 DC B "O4'"  1 
ATOM 321 C "C3'"  . DC B 1 5 ? -0.815 -0.147  9.093   1.00 0.00 ? 11 DC B "C3'"  1 
ATOM 322 O "O3'"  . DC B 1 5 ? 0.342  0.223   9.820   1.00 0.00 ? 11 DC B "O3'"  1 
ATOM 323 C "C2'"  . DC B 1 5 ? -1.287 0.942   8.199   1.00 0.00 ? 11 DC B "C2'"  1 
ATOM 324 C "C1'"  . DC B 1 5 ? -0.633 0.698   6.838   1.00 0.00 ? 11 DC B "C1'"  1 
ATOM 325 N N1     . DC B 1 5 ? -1.582 1.105   5.794   1.00 0.00 ? 11 DC B N1     1 
ATOM 326 C C2     . DC B 1 5 ? -1.313 2.072   4.839   1.00 0.00 ? 11 DC B C2     1 
ATOM 327 O O2     . DC B 1 5 ? -0.237 2.662   4.809   1.00 0.00 ? 11 DC B O2     1 
ATOM 328 N N3     . DC B 1 5 ? -2.296 2.386   3.940   1.00 0.00 ? 11 DC B N3     1 
ATOM 329 C C4     . DC B 1 5 ? -3.491 1.776   4.010   1.00 0.00 ? 11 DC B C4     1 
ATOM 330 N N4     . DC B 1 5 ? -4.413 2.069   3.102   1.00 0.00 ? 11 DC B N4     1 
ATOM 331 C C5     . DC B 1 5 ? -3.797 0.817   5.027   1.00 0.00 ? 11 DC B C5     1 
ATOM 332 C C6     . DC B 1 5 ? -2.796 0.530   5.886   1.00 0.00 ? 11 DC B C6     1 
ATOM 333 H "H5'"  . DC B 1 5 ? -0.978 -3.211  7.402   1.00 0.00 ? 11 DC B "H5'"  1 
ATOM 334 H "H5''" . DC B 1 5 ? -1.152 -2.983  9.154   1.00 0.00 ? 11 DC B "H5''" 1 
ATOM 335 H "H4'"  . DC B 1 5 ? 0.410  -1.250  8.279   1.00 0.00 ? 11 DC B "H4'"  1 
ATOM 336 H "H3'"  . DC B 1 5 ? -1.625 -0.525  9.703   1.00 0.00 ? 11 DC B "H3'"  1 
ATOM 337 H "H2'"  . DC B 1 5 ? -2.362 1.014   8.321   1.00 0.00 ? 11 DC B "H2'"  1 
ATOM 338 H "H2''" . DC B 1 5 ? -0.807 1.824   8.489   1.00 0.00 ? 11 DC B "H2''" 1 
ATOM 339 H "H1'"  . DC B 1 5 ? 0.341  1.169   6.831   1.00 0.00 ? 11 DC B "H1'"  1 
ATOM 340 H H41    . DC B 1 5 ? -4.204 2.746   2.378   1.00 0.00 ? 11 DC B H41    1 
ATOM 341 H H42    . DC B 1 5 ? -5.316 1.628   3.139   1.00 0.00 ? 11 DC B H42    1 
ATOM 342 H H5     . DC B 1 5 ? -4.759 0.343   5.149   1.00 0.00 ? 11 DC B H5     1 
ATOM 343 H H6     . DC B 1 5 ? -2.827 -0.116  6.753   1.00 0.00 ? 11 DC B H6     1 
ATOM 344 P P      . DG B 1 6 ? 0.275  1.078   11.163  1.00 0.00 ? 12 DG B P      1 
ATOM 345 O OP1    . DG B 1 6 ? 1.219  0.534   12.162  1.00 0.00 ? 12 DG B OP1    1 
ATOM 346 O OP2    . DG B 1 6 ? -1.113 1.167   11.664  1.00 0.00 ? 12 DG B OP2    1 
ATOM 347 O "O5'"  . DG B 1 6 ? 0.783  2.520   10.677  1.00 0.00 ? 12 DG B "O5'"  1 
ATOM 348 C "C5'"  . DG B 1 6 ? 2.052  2.628   10.057  1.00 0.00 ? 12 DG B "C5'"  1 
ATOM 349 C "C4'"  . DG B 1 6 ? 2.188  3.817   9.101   1.00 0.00 ? 12 DG B "C4'"  1 
ATOM 350 O "O4'"  . DG B 1 6 ? 1.492  3.846   7.878   1.00 0.00 ? 12 DG B "O4'"  1 
ATOM 351 C "C3'"  . DG B 1 6 ? 2.185  5.202   9.714   1.00 0.00 ? 12 DG B "C3'"  1 
ATOM 352 O "O3'"  . DG B 1 6 ? 3.393  5.913   9.526   1.00 0.00 ? 12 DG B "O3'"  1 
ATOM 353 C "C2'"  . DG B 1 6 ? 0.998  5.867   9.056   1.00 0.00 ? 12 DG B "C2'"  1 
ATOM 354 C "C1'"  . DG B 1 6 ? 0.927  5.138   7.719   1.00 0.00 ? 12 DG B "C1'"  1 
ATOM 355 N N9     . DG B 1 6 ? -0.489 4.936   7.411   1.00 0.00 ? 12 DG B N9     1 
ATOM 356 C C8     . DG B 1 6 ? -1.383 4.292   8.208   1.00 0.00 ? 12 DG B C8     1 
ATOM 357 N N7     . DG B 1 6 ? -2.565 4.153   7.668   1.00 0.00 ? 12 DG B N7     1 
ATOM 358 C C5     . DG B 1 6 ? -2.449 4.822   6.445   1.00 0.00 ? 12 DG B C5     1 
ATOM 359 C C6     . DG B 1 6 ? -3.405 5.062   5.408   1.00 0.00 ? 12 DG B C6     1 
ATOM 360 O O6     . DG B 1 6 ? -4.548 4.621   5.307   1.00 0.00 ? 12 DG B O6     1 
ATOM 361 N N1     . DG B 1 6 ? -2.928 5.918   4.424   1.00 0.00 ? 12 DG B N1     1 
ATOM 362 C C2     . DG B 1 6 ? -1.661 6.447   4.409   1.00 0.00 ? 12 DG B C2     1 
ATOM 363 N N2     . DG B 1 6 ? -1.334 7.281   3.428   1.00 0.00 ? 12 DG B N2     1 
ATOM 364 N N3     . DG B 1 6 ? -0.735 6.178   5.333   1.00 0.00 ? 12 DG B N3     1 
ATOM 365 C C4     . DG B 1 6 ? -1.193 5.364   6.318   1.00 0.00 ? 12 DG B C4     1 
ATOM 366 H "H5'"  . DG B 1 6 ? 2.267  1.741   9.460   1.00 0.00 ? 12 DG B "H5'"  1 
ATOM 367 H "H5''" . DG B 1 6 ? 2.813  2.699   10.835  1.00 0.00 ? 12 DG B "H5''" 1 
ATOM 368 H "H4'"  . DG B 1 6 ? 3.184  3.740   8.681   1.00 0.00 ? 12 DG B "H4'"  1 
ATOM 369 H "H3'"  . DG B 1 6 ? 1.911  5.056   10.758  1.00 0.00 ? 12 DG B "H3'"  1 
ATOM 370 H "H2'"  . DG B 1 6 ? 0.057  5.894   9.614   1.00 0.00 ? 12 DG B "H2'"  1 
ATOM 371 H "H2''" . DG B 1 6 ? 1.319  6.876   8.845   1.00 0.00 ? 12 DG B "H2''" 1 
ATOM 372 H "H1'"  . DG B 1 6 ? 1.482  5.685   6.965   1.00 0.00 ? 12 DG B "H1'"  1 
ATOM 373 H H8     . DG B 1 6 ? -1.041 3.950   9.189   1.00 0.00 ? 12 DG B H8     1 
ATOM 374 H H1     . DG B 1 6 ? -3.566 6.138   3.660   1.00 0.00 ? 12 DG B H1     1 
ATOM 375 H H21    . DG B 1 6 ? -2.005 7.553   2.721   1.00 0.00 ? 12 DG B H21    1 
ATOM 376 H H22    . DG B 1 6 ? -0.391 7.633   3.391   1.00 0.00 ? 12 DG B H22    1 
# 
